data_2UXL
#
_entry.id   2UXL
#
_cell.length_a   139.005
_cell.length_b   139.005
_cell.length_c   183.554
_cell.angle_alpha   90.00
_cell.angle_beta   90.00
_cell.angle_gamma   120.00
#
_symmetry.space_group_name_H-M   'P 31 2 1'
#
loop_
_entity.id
_entity.type
_entity.pdbx_description
1 polymer 'REACTION CENTER PROTEIN H CHAIN'
2 polymer 'REACTION CENTER PROTEIN L CHAIN'
3 polymer 'REACTION CENTER PROTEIN M CHAIN'
4 non-polymer GLYCEROL
5 non-polymer 'BACTERIOCHLOROPHYLL A'
6 non-polymer 'BACTERIOPHEOPHYTIN A'
7 non-polymer UBIQUINONE-2
8 non-polymer HEPTANE-1,2,3-TRIOL
9 non-polymer 'LAURYL DIMETHYLAMINE-N-OXIDE'
10 non-polymer 'FE (III) ION'
11 non-polymer UBIQUINONE-10
12 non-polymer SPHEROIDENE
13 water water
#
loop_
_entity_poly.entity_id
_entity_poly.type
_entity_poly.pdbx_seq_one_letter_code
_entity_poly.pdbx_strand_id
1 'polypeptide(L)'
;MVGVTAFGNFDLASLAIYSFWIFLAGLIYYLQTENMREGYPLENEDGTPAANQGPFPLPKPKTFILPHGRGTLTVPGPES
EDRPIALARTAVSEGFPHAPTGDPMKDGVGPASWVARRDLPELDGHGHNKIKPMKAAAGFHVSAGKNPIGLPVRGCDLEI
AGKVVDIWVDIPEQMARFLEVELKDGSTRLLPMQMVKVQSNRVHVNALSSDLFAGIPTIKSPTEVTLLEEDKICGYVAGG
LMYAAPKRKSVVAAMLAEYA
;
H
2 'polypeptide(L)'
;ALLSFERKYRVPGGTLVGGNLFDFWVGPFYVGFFGVATFFFAALGIILIAWSAVLQGTWNPQLISVYPPALEYGLGGAPL
AKGGLWQIITICATGAFVSWALREVEICRKLGIGYHIPFAFAFAILAYLTLVLFRPVMMGAWGYAFPYGIWTHLDWVSNT
GYTYGNFHYNPAHMIAISFFFTNALALALHGALVLSAANPEKGKEMRTPDHEDTFFRDLVGYSIGTLGIHRLGLLLSLSA
VFFSALCMIITGTIWFDQWVDWWQWWVKLPWWANIPGGING
;
L
3 'polypeptide(L)'
;AEYQNIFSQVQVRGPADLGMTEDVNLANRSGVGPFSTLLGWFGNAQLGPIYLGSLGVLSLFSGLMWFFTIGIWFWYQAGW
NPAVFLRDLFFFSLEPPAPEYGLSFAAPLKEGGLWLIASFFMFVAVWSWWGRTYLRAQALGMGKHTAWAFLSAIWLWMVL
GFIRPILMGSWSEAVPYGIFSHLDWTNNFSLVHGNLFYNPFHGLSIAFLYGSALLFAMHGATILAVSRFGGERELEQIAD
RGTAAERAALFWRWTMGFNATMEGIHRWAIWMAVLVTLTGGIGILLSGTVVDNWYVWGQNHGMAPLN
;
M
#
loop_
_chem_comp.id
_chem_comp.type
_chem_comp.name
_chem_comp.formula
BCL non-polymer 'BACTERIOCHLOROPHYLL A' 'C55 H74 Mg N4 O6'
BPH non-polymer 'BACTERIOPHEOPHYTIN A' 'C55 H76 N4 O6'
FE non-polymer 'FE (III) ION' 'Fe 3'
GOL non-polymer GLYCEROL 'C3 H8 O3'
HTO non-polymer HEPTANE-1,2,3-TRIOL 'C7 H16 O3'
LDA non-polymer 'LAURYL DIMETHYLAMINE-N-OXIDE' 'C14 H31 N O'
SPO non-polymer SPHEROIDENE 'C41 H60 O'
U10 non-polymer UBIQUINONE-10 'C59 H90 O4'
UQ2 non-polymer UBIQUINONE-2 'C19 H26 O4'
#
# COMPACT_ATOMS: atom_id res chain seq x y z
N ASP A 11 -20.07 7.38 31.57
CA ASP A 11 -20.94 6.75 30.51
C ASP A 11 -20.18 5.81 29.57
N LEU A 12 -20.91 4.93 28.90
CA LEU A 12 -20.27 3.86 28.13
C LEU A 12 -19.41 4.34 26.93
N ALA A 13 -19.85 5.40 26.25
CA ALA A 13 -19.13 5.95 25.11
C ALA A 13 -17.78 6.50 25.55
N SER A 14 -17.80 7.31 26.61
CA SER A 14 -16.56 7.87 27.17
C SER A 14 -15.60 6.80 27.65
N LEU A 15 -16.15 5.71 28.19
CA LEU A 15 -15.37 4.58 28.67
C LEU A 15 -14.69 3.82 27.52
N ALA A 16 -15.44 3.62 26.44
CA ALA A 16 -14.93 2.98 25.24
C ALA A 16 -13.78 3.78 24.62
N ILE A 17 -13.95 5.08 24.44
CA ILE A 17 -12.86 5.85 23.84
C ILE A 17 -11.55 5.88 24.67
N TYR A 18 -11.65 5.87 25.99
CA TYR A 18 -10.47 5.91 26.83
C TYR A 18 -9.77 4.52 26.82
N SER A 19 -10.58 3.46 26.82
CA SER A 19 -10.13 2.09 26.68
C SER A 19 -9.35 1.86 25.41
N PHE A 20 -9.97 2.17 24.28
CA PHE A 20 -9.29 2.13 23.00
C PHE A 20 -7.93 2.83 22.97
N TRP A 21 -7.80 4.05 23.49
CA TRP A 21 -6.49 4.72 23.54
C TRP A 21 -5.46 3.89 24.28
N ILE A 22 -5.86 3.24 25.39
CA ILE A 22 -4.93 2.41 26.15
C ILE A 22 -4.50 1.21 25.27
N PHE A 23 -5.48 0.64 24.60
CA PHE A 23 -5.22 -0.46 23.66
C PHE A 23 -4.25 -0.05 22.57
N LEU A 24 -4.38 1.17 22.09
CA LEU A 24 -3.51 1.73 21.09
C LEU A 24 -2.04 1.98 21.54
N ALA A 25 -1.85 2.49 22.75
CA ALA A 25 -0.50 2.59 23.25
C ALA A 25 0.14 1.19 23.26
N GLY A 26 -0.61 0.16 23.68
CA GLY A 26 -0.07 -1.19 23.78
C GLY A 26 0.20 -1.84 22.42
N LEU A 27 -0.68 -1.61 21.45
CA LEU A 27 -0.45 -2.18 20.16
C LEU A 27 0.80 -1.58 19.51
N ILE A 28 0.95 -0.26 19.54
CA ILE A 28 2.17 0.34 18.97
C ILE A 28 3.42 -0.22 19.66
N TYR A 29 3.35 -0.33 20.98
CA TYR A 29 4.40 -0.98 21.75
C TYR A 29 4.81 -2.36 21.17
N TYR A 30 3.85 -3.26 21.06
CA TYR A 30 4.03 -4.56 20.39
C TYR A 30 4.57 -4.43 18.92
N LEU A 31 3.85 -3.69 18.08
CA LEU A 31 4.34 -3.43 16.72
C LEU A 31 5.82 -2.99 16.70
N GLN A 32 6.20 -1.98 17.50
CA GLN A 32 7.58 -1.50 17.48
C GLN A 32 8.58 -2.56 17.86
N THR A 33 8.27 -3.38 18.89
CA THR A 33 9.19 -4.45 19.33
C THR A 33 9.30 -5.57 18.26
N GLU A 34 8.16 -5.98 17.69
CA GLU A 34 8.18 -6.96 16.62
C GLU A 34 9.16 -6.50 15.57
N ASN A 35 9.27 -5.18 15.37
CA ASN A 35 10.07 -4.68 14.27
C ASN A 35 11.54 -4.49 14.60
N MET A 36 11.92 -4.93 15.79
CA MET A 36 13.31 -4.88 16.23
C MET A 36 13.96 -6.28 16.27
N ARG A 37 13.36 -7.23 15.57
CA ARG A 37 13.89 -8.57 15.56
C ARG A 37 15.12 -8.64 14.65
N GLU A 38 15.36 -7.63 13.84
CA GLU A 38 16.60 -7.60 13.06
C GLU A 38 17.24 -6.24 13.25
N GLY A 39 18.57 -6.17 13.12
CA GLY A 39 19.33 -4.92 13.25
C GLY A 39 19.70 -4.42 14.64
N TYR A 40 19.07 -4.95 15.69
CA TYR A 40 19.27 -4.52 17.09
C TYR A 40 20.01 -5.58 17.92
N PRO A 41 20.73 -5.19 18.99
CA PRO A 41 20.84 -3.81 19.50
C PRO A 41 21.61 -2.91 18.58
N LEU A 42 21.36 -1.61 18.70
CA LEU A 42 22.07 -0.57 17.98
C LEU A 42 23.57 -0.54 18.32
N GLU A 43 24.36 0.01 17.39
CA GLU A 43 25.81 -0.05 17.48
C GLU A 43 26.46 1.28 17.24
N ASN A 44 27.65 1.45 17.83
CA ASN A 44 28.49 2.61 17.51
C ASN A 44 29.09 2.33 16.14
N GLU A 45 29.70 3.37 15.56
CA GLU A 45 30.31 3.26 14.24
C GLU A 45 31.39 2.18 14.17
N ASP A 46 31.81 1.69 15.34
CA ASP A 46 32.90 0.74 15.51
C ASP A 46 32.41 -0.68 15.80
N GLY A 47 31.09 -0.86 15.82
CA GLY A 47 30.51 -2.19 15.84
C GLY A 47 30.16 -2.64 17.22
N THR A 48 30.38 -1.80 18.21
CA THR A 48 30.11 -2.20 19.59
C THR A 48 28.74 -1.71 20.04
N PRO A 49 28.13 -2.37 21.03
CA PRO A 49 26.79 -1.99 21.52
C PRO A 49 26.75 -0.50 21.84
N ALA A 50 25.81 0.25 21.30
CA ALA A 50 25.71 1.69 21.57
C ALA A 50 25.18 1.92 22.99
N ALA A 51 25.55 3.05 23.59
CA ALA A 51 25.20 3.32 24.99
C ALA A 51 23.71 3.61 25.14
N ASN A 52 23.16 4.35 24.19
CA ASN A 52 21.77 4.66 24.27
C ASN A 52 20.96 3.82 23.28
N GLN A 53 20.09 2.94 23.80
CA GLN A 53 19.28 2.05 22.97
C GLN A 53 17.84 2.50 22.71
N GLY A 54 17.39 3.62 23.31
CA GLY A 54 15.97 4.00 23.31
C GLY A 54 15.03 3.29 24.31
N PRO A 55 13.73 3.61 24.29
CA PRO A 55 12.80 3.08 25.30
C PRO A 55 12.23 1.68 25.04
N PHE A 56 12.36 1.12 23.83
CA PHE A 56 11.72 -0.16 23.57
C PHE A 56 12.71 -1.30 23.77
N PRO A 57 12.33 -2.35 24.48
CA PRO A 57 13.19 -3.53 24.67
C PRO A 57 13.21 -4.44 23.42
N LEU A 58 14.24 -5.27 23.24
CA LEU A 58 14.17 -6.37 22.26
C LEU A 58 13.01 -7.31 22.63
N PRO A 59 12.35 -7.95 21.67
CA PRO A 59 11.28 -8.90 22.02
C PRO A 59 11.83 -10.29 22.36
N LYS A 60 10.99 -11.19 22.88
CA LYS A 60 11.34 -12.60 23.08
C LYS A 60 11.56 -13.25 21.72
N PRO A 61 12.55 -14.13 21.65
CA PRO A 61 12.88 -14.88 20.42
C PRO A 61 11.72 -15.65 19.77
N LYS A 62 11.79 -15.85 18.45
CA LYS A 62 10.86 -16.72 17.78
C LYS A 62 11.67 -17.52 16.78
N THR A 63 11.09 -18.64 16.29
CA THR A 63 11.82 -19.54 15.40
C THR A 63 11.08 -19.86 14.11
N PHE A 64 11.64 -19.45 12.99
CA PHE A 64 11.15 -19.91 11.70
C PHE A 64 11.85 -21.21 11.35
N ILE A 65 11.10 -22.25 11.02
CA ILE A 65 11.66 -23.50 10.48
C ILE A 65 11.42 -23.55 8.96
N LEU A 66 12.49 -23.53 8.17
CA LEU A 66 12.35 -23.49 6.72
C LEU A 66 12.07 -24.89 6.14
N PRO A 67 11.53 -24.99 4.95
CA PRO A 67 11.19 -26.31 4.42
C PRO A 67 12.39 -26.98 3.76
N HIS A 68 12.22 -28.22 3.32
CA HIS A 68 13.26 -28.96 2.63
C HIS A 68 14.56 -28.98 3.45
N GLY A 69 14.41 -28.94 4.78
CA GLY A 69 15.49 -28.92 5.75
C GLY A 69 16.55 -27.89 5.37
N ARG A 70 16.12 -26.66 5.11
CA ARG A 70 17.01 -25.68 4.56
C ARG A 70 17.62 -24.74 5.61
N GLY A 71 17.41 -25.06 6.87
CA GLY A 71 17.92 -24.23 7.94
C GLY A 71 16.77 -23.82 8.82
N THR A 72 17.06 -23.39 10.05
CA THR A 72 16.03 -22.80 10.88
C THR A 72 16.55 -21.49 11.50
N LEU A 73 15.69 -20.51 11.78
CA LEU A 73 16.09 -19.17 12.22
C LEU A 73 15.38 -18.68 13.48
N THR A 74 16.16 -18.10 14.41
CA THR A 74 15.68 -17.51 15.67
C THR A 74 16.06 -16.04 15.75
N VAL A 75 15.12 -15.18 16.09
CA VAL A 75 15.35 -13.74 16.04
C VAL A 75 14.50 -13.12 17.16
N PRO A 76 15.02 -12.11 17.86
CA PRO A 76 16.34 -11.55 17.62
C PRO A 76 17.45 -12.48 18.20
N GLY A 77 18.72 -12.16 17.92
CA GLY A 77 19.87 -12.92 18.38
C GLY A 77 21.12 -12.23 17.84
N PRO A 78 22.29 -12.42 18.48
CA PRO A 78 23.50 -11.72 18.04
C PRO A 78 23.75 -11.95 16.55
N GLU A 79 24.20 -10.92 15.84
CA GLU A 79 24.53 -11.08 14.42
C GLU A 79 25.82 -10.42 14.10
N SER A 80 26.47 -10.89 13.04
CA SER A 80 27.63 -10.18 12.50
C SER A 80 27.50 -10.14 10.99
N GLU A 81 28.30 -9.33 10.32
CA GLU A 81 28.25 -9.26 8.87
C GLU A 81 28.72 -10.54 8.22
N ASP A 82 29.59 -11.29 8.90
CA ASP A 82 30.15 -12.52 8.37
C ASP A 82 31.07 -12.24 7.21
N ARG A 83 31.28 -10.98 6.86
CA ARG A 83 32.20 -10.57 5.78
C ARG A 83 33.05 -9.39 6.30
N PRO A 84 34.19 -9.11 5.66
CA PRO A 84 35.00 -7.94 6.07
C PRO A 84 34.56 -6.63 5.36
N ILE A 85 34.62 -5.49 6.04
CA ILE A 85 34.08 -4.28 5.42
C ILE A 85 35.14 -3.23 5.13
N ALA A 86 35.57 -3.15 3.88
CA ALA A 86 36.61 -2.19 3.51
C ALA A 86 36.20 -0.73 3.56
N LEU A 87 35.91 -0.24 4.76
CA LEU A 87 35.48 1.15 4.96
C LEU A 87 36.33 1.83 6.02
N ALA A 88 36.58 3.14 5.88
CA ALA A 88 37.24 3.87 6.98
C ALA A 88 36.67 5.25 7.24
N ARG A 89 36.76 5.67 8.50
CA ARG A 89 36.30 6.99 8.94
C ARG A 89 36.94 8.14 8.16
N THR A 90 36.12 9.15 7.85
CA THR A 90 36.63 10.38 7.24
C THR A 90 36.65 11.56 8.22
N ALA A 91 36.16 11.39 9.44
CA ALA A 91 36.03 12.52 10.33
C ALA A 91 36.27 12.11 11.78
N VAL A 92 36.60 13.10 12.62
CA VAL A 92 36.95 12.81 14.01
C VAL A 92 35.77 12.60 14.96
N SER A 93 34.53 12.79 14.49
CA SER A 93 33.35 12.58 15.35
C SER A 93 32.24 11.72 14.73
N GLU A 94 31.20 11.40 15.52
CA GLU A 94 29.96 10.69 15.11
C GLU A 94 29.31 11.32 13.86
N GLY A 95 28.67 10.49 13.02
CA GLY A 95 27.74 11.00 12.00
C GLY A 95 28.22 11.22 10.57
N PHE A 96 29.51 11.05 10.30
CA PHE A 96 29.99 11.30 8.96
C PHE A 96 30.14 9.98 8.13
N PRO A 97 30.37 10.15 6.82
CA PRO A 97 30.59 9.03 5.89
C PRO A 97 31.89 8.29 6.09
N HIS A 98 31.93 7.06 5.59
CA HIS A 98 33.09 6.16 5.67
C HIS A 98 33.61 5.81 4.30
N ALA A 99 34.76 6.37 3.93
CA ALA A 99 35.36 6.22 2.61
C ALA A 99 35.78 4.76 2.37
N PRO A 100 35.44 4.21 1.21
CA PRO A 100 35.98 2.90 0.84
C PRO A 100 37.49 2.94 0.89
N THR A 101 38.10 1.97 1.55
CA THR A 101 39.55 1.91 1.59
C THR A 101 40.09 1.28 0.34
N GLY A 102 39.22 0.74 -0.50
CA GLY A 102 39.62 0.09 -1.74
C GLY A 102 38.75 0.49 -2.91
N ASP A 103 38.46 -0.46 -3.79
CA ASP A 103 37.47 -0.22 -4.87
C ASP A 103 36.12 -0.85 -4.43
N PRO A 104 35.14 0.03 -4.27
CA PRO A 104 33.90 -0.33 -3.56
C PRO A 104 33.06 -1.34 -4.34
N MET A 105 33.15 -1.27 -5.66
CA MET A 105 32.69 -2.30 -6.59
C MET A 105 33.16 -3.73 -6.23
N LYS A 106 34.47 -3.96 -6.33
CA LYS A 106 35.08 -5.22 -5.90
C LYS A 106 34.81 -5.47 -4.42
N ASP A 107 34.83 -4.43 -3.59
CA ASP A 107 34.80 -4.66 -2.13
C ASP A 107 33.46 -5.04 -1.54
N GLY A 108 32.40 -4.86 -2.33
CA GLY A 108 31.04 -5.09 -1.85
C GLY A 108 30.52 -4.07 -0.83
N VAL A 109 30.86 -2.79 -1.03
CA VAL A 109 30.44 -1.72 -0.11
C VAL A 109 29.72 -0.58 -0.82
N GLY A 110 29.05 0.25 -0.03
CA GLY A 110 28.24 1.32 -0.57
C GLY A 110 27.00 0.80 -1.26
N PRO A 111 26.54 1.51 -2.29
CA PRO A 111 25.44 1.03 -3.13
C PRO A 111 25.76 -0.38 -3.71
N ALA A 112 27.05 -0.78 -3.75
CA ALA A 112 27.37 -2.14 -4.22
C ALA A 112 27.42 -3.19 -3.12
N SER A 113 26.69 -2.95 -2.04
CA SER A 113 26.74 -3.86 -0.91
C SER A 113 25.96 -5.10 -1.22
N TRP A 114 26.38 -6.18 -0.59
CA TRP A 114 25.70 -7.47 -0.69
C TRP A 114 25.73 -8.10 0.70
N VAL A 115 24.91 -9.11 0.89
CA VAL A 115 24.76 -9.70 2.19
C VAL A 115 25.14 -11.17 2.09
N ALA A 116 25.87 -11.62 3.12
CA ALA A 116 26.12 -13.04 3.37
C ALA A 116 24.82 -13.84 3.56
N ARG A 117 24.14 -14.16 2.45
CA ARG A 117 22.95 -14.99 2.50
C ARG A 117 23.38 -16.41 2.29
N ARG A 118 22.51 -17.39 2.52
CA ARG A 118 22.91 -18.79 2.34
C ARG A 118 23.44 -19.10 0.94
N ASP A 119 24.56 -19.81 0.88
CA ASP A 119 25.11 -20.18 -0.44
C ASP A 119 24.41 -21.37 -1.07
N LEU A 120 23.09 -21.30 -1.15
CA LEU A 120 22.27 -22.30 -1.84
C LEU A 120 21.09 -21.59 -2.56
N PRO A 121 20.59 -22.20 -3.65
CA PRO A 121 19.37 -21.72 -4.35
C PRO A 121 18.06 -21.71 -3.52
N GLU A 122 17.21 -20.67 -3.69
CA GLU A 122 15.85 -20.61 -3.15
C GLU A 122 15.10 -21.81 -3.74
N LEU A 123 14.46 -22.63 -2.91
CA LEU A 123 13.64 -23.71 -3.46
C LEU A 123 12.15 -23.35 -3.60
N ASP A 124 11.46 -23.88 -4.59
CA ASP A 124 10.01 -23.71 -4.64
C ASP A 124 9.29 -24.62 -3.65
N GLY A 125 7.96 -24.58 -3.63
CA GLY A 125 7.19 -25.39 -2.69
C GLY A 125 7.43 -26.89 -2.87
N HIS A 126 7.84 -27.28 -4.07
CA HIS A 126 8.06 -28.68 -4.43
C HIS A 126 9.52 -29.10 -4.34
N GLY A 127 10.37 -28.23 -3.78
CA GLY A 127 11.79 -28.49 -3.60
C GLY A 127 12.62 -28.41 -4.87
N HIS A 128 12.14 -27.73 -5.90
CA HIS A 128 12.96 -27.52 -7.08
C HIS A 128 13.55 -26.12 -7.02
N ASN A 129 14.69 -25.95 -7.66
CA ASN A 129 15.20 -24.60 -7.86
C ASN A 129 14.16 -23.68 -8.45
N LYS A 130 13.86 -22.62 -7.70
CA LYS A 130 12.97 -21.53 -8.09
C LYS A 130 13.44 -20.84 -9.38
N ILE A 131 14.74 -20.66 -9.53
CA ILE A 131 15.22 -19.97 -10.73
C ILE A 131 15.98 -20.90 -11.64
N LYS A 132 15.76 -20.79 -12.93
CA LYS A 132 16.44 -21.63 -13.89
C LYS A 132 16.63 -20.85 -15.16
N PRO A 133 17.63 -21.22 -15.94
CA PRO A 133 17.72 -20.81 -17.35
C PRO A 133 16.51 -21.31 -18.15
N MET A 134 15.95 -20.45 -19.00
CA MET A 134 14.83 -20.86 -19.86
C MET A 134 15.18 -22.10 -20.73
N LYS A 135 16.34 -22.07 -21.39
CA LYS A 135 16.85 -23.19 -22.16
C LYS A 135 16.87 -24.51 -21.39
N ALA A 136 16.72 -24.47 -20.07
CA ALA A 136 16.67 -25.72 -19.28
C ALA A 136 15.42 -25.86 -18.39
N ALA A 137 14.32 -25.19 -18.76
CA ALA A 137 13.06 -25.24 -18.02
C ALA A 137 11.92 -25.59 -18.96
N ALA A 138 11.66 -26.89 -19.02
CA ALA A 138 10.55 -27.46 -19.80
C ALA A 138 9.22 -26.81 -19.39
N GLY A 139 8.44 -26.23 -20.31
CA GLY A 139 8.89 -25.70 -21.58
C GLY A 139 8.40 -24.23 -21.53
N PHE A 140 9.30 -23.37 -21.03
CA PHE A 140 9.01 -21.95 -20.90
C PHE A 140 9.39 -21.25 -22.17
N HIS A 141 8.77 -20.11 -22.43
CA HIS A 141 9.06 -19.37 -23.66
C HIS A 141 8.63 -17.94 -23.48
N VAL A 142 9.29 -17.01 -24.17
CA VAL A 142 8.82 -15.64 -24.24
C VAL A 142 7.46 -15.71 -24.88
N SER A 143 6.45 -15.17 -24.22
CA SER A 143 5.06 -15.36 -24.66
C SER A 143 4.39 -14.09 -25.08
N ALA A 144 5.10 -12.96 -24.94
CA ALA A 144 4.58 -11.62 -25.29
C ALA A 144 5.70 -10.62 -25.05
N GLY A 145 5.70 -9.52 -25.80
CA GLY A 145 6.73 -8.50 -25.63
C GLY A 145 7.94 -8.75 -26.52
N LYS A 146 8.92 -7.86 -26.49
CA LYS A 146 10.12 -8.09 -27.32
C LYS A 146 11.06 -9.10 -26.65
N ASN A 147 11.43 -10.14 -27.43
CA ASN A 147 12.33 -11.20 -26.97
C ASN A 147 13.79 -10.75 -27.08
N PRO A 148 14.45 -10.62 -25.93
CA PRO A 148 15.82 -10.12 -25.88
C PRO A 148 16.87 -11.14 -26.31
N ILE A 149 16.58 -12.45 -26.30
CA ILE A 149 17.58 -13.47 -26.68
C ILE A 149 18.17 -13.20 -28.09
N GLY A 150 19.47 -12.95 -28.12
CA GLY A 150 20.16 -12.63 -29.35
C GLY A 150 20.52 -11.17 -29.54
N LEU A 151 19.95 -10.24 -28.74
CA LEU A 151 20.26 -8.79 -28.90
C LEU A 151 21.66 -8.45 -28.39
N PRO A 152 22.32 -7.42 -28.96
CA PRO A 152 23.60 -6.97 -28.37
C PRO A 152 23.33 -6.21 -27.08
N VAL A 153 24.23 -6.34 -26.11
CA VAL A 153 24.16 -5.57 -24.88
C VAL A 153 25.14 -4.37 -24.90
N ARG A 154 24.57 -3.19 -24.77
CA ARG A 154 25.30 -1.94 -24.73
C ARG A 154 25.37 -1.44 -23.29
N GLY A 155 26.57 -1.02 -22.91
CA GLY A 155 26.83 -0.34 -21.65
C GLY A 155 26.61 1.16 -21.73
N CYS A 156 26.74 1.84 -20.60
CA CYS A 156 26.39 3.24 -20.54
C CYS A 156 27.44 4.19 -21.17
N ASP A 157 28.52 3.62 -21.72
CA ASP A 157 29.50 4.32 -22.55
C ASP A 157 29.18 4.20 -24.04
N LEU A 158 28.02 3.62 -24.36
CA LEU A 158 27.60 3.37 -25.75
C LEU A 158 28.42 2.30 -26.51
N GLU A 159 29.21 1.49 -25.78
CA GLU A 159 29.96 0.35 -26.35
C GLU A 159 29.24 -0.97 -26.14
N ILE A 160 29.36 -1.91 -27.08
CA ILE A 160 28.78 -3.25 -26.89
C ILE A 160 29.64 -4.06 -25.94
N ALA A 161 29.01 -4.68 -24.95
CA ALA A 161 29.72 -5.46 -23.96
C ALA A 161 29.60 -6.95 -24.23
N GLY A 162 28.55 -7.34 -24.94
CA GLY A 162 28.31 -8.74 -25.23
C GLY A 162 26.96 -8.93 -25.87
N LYS A 163 26.48 -10.18 -25.86
CA LYS A 163 25.16 -10.45 -26.40
C LYS A 163 24.37 -11.39 -25.48
N VAL A 164 23.03 -11.31 -25.56
CA VAL A 164 22.11 -12.01 -24.66
C VAL A 164 21.88 -13.40 -25.18
N VAL A 165 22.17 -14.39 -24.36
CA VAL A 165 22.07 -15.77 -24.82
C VAL A 165 20.95 -16.55 -24.13
N ASP A 166 20.38 -15.99 -23.06
CA ASP A 166 19.26 -16.62 -22.35
C ASP A 166 18.53 -15.74 -21.35
N ILE A 167 17.33 -16.18 -20.98
CA ILE A 167 16.57 -15.57 -19.91
C ILE A 167 16.52 -16.57 -18.77
N TRP A 168 16.87 -16.11 -17.57
CA TRP A 168 16.72 -16.91 -16.37
C TRP A 168 15.41 -16.56 -15.70
N VAL A 169 14.55 -17.57 -15.56
CA VAL A 169 13.18 -17.36 -15.11
C VAL A 169 12.84 -17.90 -13.72
N ASP A 170 12.05 -17.13 -12.99
CA ASP A 170 11.39 -17.64 -11.79
C ASP A 170 10.27 -18.61 -12.26
N ILE A 171 10.34 -19.88 -11.85
CA ILE A 171 9.43 -20.90 -12.43
C ILE A 171 8.04 -20.89 -11.81
N PRO A 172 7.97 -20.96 -10.50
CA PRO A 172 6.66 -20.86 -9.84
C PRO A 172 5.91 -19.51 -10.12
N GLU A 173 6.61 -18.38 -10.09
CA GLU A 173 6.00 -17.07 -10.32
C GLU A 173 5.71 -16.84 -11.80
N GLN A 174 6.50 -17.44 -12.67
CA GLN A 174 6.41 -17.24 -14.12
C GLN A 174 6.76 -15.83 -14.60
N MET A 175 7.91 -15.32 -14.15
CA MET A 175 8.46 -14.04 -14.63
C MET A 175 9.96 -14.09 -14.88
N ALA A 176 10.47 -13.17 -15.69
CA ALA A 176 11.90 -13.08 -16.08
C ALA A 176 12.74 -12.31 -15.07
N ARG A 177 13.72 -12.97 -14.44
CA ARG A 177 14.60 -12.30 -13.47
C ARG A 177 15.99 -11.88 -13.96
N PHE A 178 16.61 -12.62 -14.85
CA PHE A 178 17.96 -12.26 -15.32
C PHE A 178 18.15 -12.49 -16.81
N LEU A 179 18.93 -11.62 -17.45
CA LEU A 179 19.46 -11.90 -18.78
C LEU A 179 20.84 -12.54 -18.65
N GLU A 180 21.02 -13.69 -19.27
CA GLU A 180 22.33 -14.30 -19.30
C GLU A 180 23.09 -13.76 -20.49
N VAL A 181 24.25 -13.13 -20.22
CA VAL A 181 25.00 -12.36 -21.26
C VAL A 181 26.36 -12.96 -21.59
N GLU A 182 26.62 -13.21 -22.87
CA GLU A 182 27.93 -13.71 -23.32
C GLU A 182 28.90 -12.57 -23.57
N LEU A 183 30.06 -12.66 -22.92
CA LEU A 183 31.11 -11.67 -23.01
C LEU A 183 32.09 -12.03 -24.12
N LYS A 184 32.85 -11.04 -24.56
CA LYS A 184 33.73 -11.21 -25.70
C LYS A 184 34.78 -12.32 -25.52
N ASP A 185 34.98 -12.82 -24.32
CA ASP A 185 35.83 -14.00 -24.12
C ASP A 185 35.09 -15.34 -24.10
N GLY A 186 33.77 -15.35 -24.27
CA GLY A 186 33.06 -16.61 -24.20
C GLY A 186 32.40 -17.07 -22.88
N SER A 187 32.82 -16.49 -21.74
CA SER A 187 32.11 -16.69 -20.46
C SER A 187 30.77 -15.90 -20.40
N THR A 188 29.92 -16.22 -19.42
CA THR A 188 28.70 -15.43 -19.18
C THR A 188 28.53 -14.84 -17.77
N ARG A 189 27.74 -13.76 -17.69
CA ARG A 189 27.34 -13.13 -16.44
C ARG A 189 25.82 -13.01 -16.46
N LEU A 190 25.24 -12.98 -15.26
CA LEU A 190 23.82 -12.67 -15.04
C LEU A 190 23.54 -11.17 -14.85
N LEU A 191 22.50 -10.69 -15.47
CA LEU A 191 22.11 -9.28 -15.35
C LEU A 191 20.70 -9.23 -14.81
N PRO A 192 20.48 -8.46 -13.74
CA PRO A 192 19.12 -8.25 -13.25
C PRO A 192 18.25 -7.72 -14.37
N MET A 193 17.05 -8.30 -14.50
CA MET A 193 16.09 -7.92 -15.53
C MET A 193 15.60 -6.50 -15.27
N GLN A 194 15.71 -6.16 -14.00
CA GLN A 194 15.03 -5.04 -13.42
C GLN A 194 15.92 -3.81 -13.61
N MET A 195 17.02 -3.97 -14.38
CA MET A 195 18.08 -2.98 -14.61
C MET A 195 18.58 -2.97 -16.06
N VAL A 196 17.77 -3.46 -16.97
CA VAL A 196 18.11 -3.48 -18.40
C VAL A 196 16.94 -2.84 -19.11
N LYS A 197 17.25 -2.19 -20.23
CA LYS A 197 16.21 -1.67 -21.07
C LYS A 197 16.28 -2.45 -22.38
N VAL A 198 15.24 -3.26 -22.61
CA VAL A 198 15.11 -4.02 -23.85
C VAL A 198 14.54 -3.12 -24.94
N GLN A 199 15.36 -2.85 -25.95
CA GLN A 199 14.95 -2.03 -27.08
C GLN A 199 14.70 -2.95 -28.31
N SER A 200 14.32 -2.35 -29.43
CA SER A 200 14.08 -3.13 -30.66
C SER A 200 15.35 -3.88 -31.15
N ASN A 201 16.48 -3.18 -31.17
CA ASN A 201 17.72 -3.73 -31.69
C ASN A 201 18.88 -3.79 -30.68
N ARG A 202 18.57 -3.67 -29.38
CA ARG A 202 19.56 -3.89 -28.32
C ARG A 202 18.98 -3.96 -26.91
N VAL A 203 19.78 -4.51 -26.00
CA VAL A 203 19.57 -4.31 -24.57
C VAL A 203 20.54 -3.21 -24.11
N HIS A 204 19.98 -2.15 -23.56
CA HIS A 204 20.77 -1.08 -22.96
C HIS A 204 20.83 -1.15 -21.43
N VAL A 205 22.04 -1.09 -20.87
CA VAL A 205 22.20 -1.26 -19.43
C VAL A 205 22.81 -0.01 -18.90
N ASN A 206 22.06 0.78 -18.15
CA ASN A 206 22.60 2.05 -17.70
C ASN A 206 23.59 2.00 -16.55
N ALA A 207 23.43 1.04 -15.67
CA ALA A 207 24.27 0.97 -14.49
C ALA A 207 25.77 0.80 -14.81
N LEU A 208 26.09 0.00 -15.83
CA LEU A 208 27.48 -0.37 -16.10
C LEU A 208 27.98 0.12 -17.44
N SER A 209 29.27 0.45 -17.45
CA SER A 209 30.02 0.69 -18.69
C SER A 209 30.63 -0.64 -19.11
N SER A 210 30.80 -0.81 -20.41
CA SER A 210 31.13 -2.10 -21.03
C SER A 210 32.34 -2.85 -20.43
N ASP A 211 33.31 -2.07 -19.93
CA ASP A 211 34.52 -2.58 -19.22
C ASP A 211 34.26 -3.03 -17.78
N LEU A 212 33.05 -2.80 -17.29
CA LEU A 212 32.69 -3.27 -15.94
C LEU A 212 32.00 -4.61 -15.93
N PHE A 213 31.56 -5.08 -17.10
CA PHE A 213 30.86 -6.37 -17.22
C PHE A 213 31.69 -7.59 -16.82
N ALA A 214 32.92 -7.68 -17.33
CA ALA A 214 33.89 -8.75 -16.97
C ALA A 214 34.02 -8.83 -15.47
N GLY A 215 33.94 -7.66 -14.85
CA GLY A 215 33.90 -7.55 -13.39
C GLY A 215 32.64 -8.01 -12.71
N ILE A 216 31.50 -8.20 -13.38
CA ILE A 216 30.36 -8.78 -12.67
C ILE A 216 30.74 -10.11 -11.98
N PRO A 217 30.29 -10.31 -10.72
CA PRO A 217 30.44 -11.62 -10.02
C PRO A 217 29.95 -12.83 -10.85
N THR A 218 30.72 -13.93 -10.87
CA THR A 218 30.31 -15.14 -11.61
C THR A 218 29.73 -16.20 -10.69
N ILE A 219 28.96 -17.12 -11.27
CA ILE A 219 28.21 -18.10 -10.51
C ILE A 219 28.86 -19.49 -10.63
N LYS A 220 28.72 -20.34 -9.60
CA LYS A 220 29.40 -21.64 -9.59
C LYS A 220 28.87 -22.64 -10.62
N SER A 221 27.58 -22.60 -10.94
CA SER A 221 27.05 -23.60 -11.86
C SER A 221 26.22 -22.96 -12.99
N PRO A 222 26.25 -23.54 -14.20
CA PRO A 222 25.57 -22.91 -15.36
C PRO A 222 24.05 -22.93 -15.26
N THR A 223 23.50 -23.50 -14.18
CA THR A 223 22.12 -24.01 -14.19
C THR A 223 21.37 -23.71 -12.90
N GLU A 224 22.06 -23.04 -11.98
CA GLU A 224 21.40 -22.55 -10.78
C GLU A 224 22.15 -21.38 -10.17
N VAL A 225 21.41 -20.51 -9.52
CA VAL A 225 22.02 -19.37 -8.85
C VAL A 225 21.64 -19.43 -7.38
N THR A 226 22.65 -19.33 -6.51
CA THR A 226 22.38 -19.24 -5.07
C THR A 226 21.93 -17.84 -4.65
N LEU A 227 21.31 -17.78 -3.47
CA LEU A 227 20.93 -16.53 -2.83
C LEU A 227 22.12 -15.59 -2.63
N LEU A 228 23.26 -16.13 -2.20
CA LEU A 228 24.43 -15.30 -1.98
C LEU A 228 24.95 -14.78 -3.31
N GLU A 229 25.10 -15.69 -4.28
CA GLU A 229 25.40 -15.34 -5.65
C GLU A 229 24.47 -14.24 -6.20
N GLU A 230 23.18 -14.32 -5.88
CA GLU A 230 22.18 -13.33 -6.32
C GLU A 230 22.53 -11.94 -5.81
N ASP A 231 22.58 -11.80 -4.47
CA ASP A 231 22.94 -10.57 -3.76
C ASP A 231 24.25 -9.93 -4.29
N LYS A 232 25.30 -10.73 -4.52
CA LYS A 232 26.54 -10.15 -5.05
C LYS A 232 26.35 -9.52 -6.43
N ILE A 233 25.54 -10.18 -7.28
CA ILE A 233 25.34 -9.77 -8.66
C ILE A 233 24.49 -8.49 -8.65
N CYS A 234 23.40 -8.51 -7.90
CA CYS A 234 22.56 -7.36 -7.69
C CYS A 234 23.25 -6.13 -7.08
N GLY A 235 24.13 -6.36 -6.10
CA GLY A 235 24.88 -5.28 -5.49
C GLY A 235 25.81 -4.64 -6.47
N TYR A 236 26.57 -5.47 -7.18
CA TYR A 236 27.62 -4.99 -8.08
C TYR A 236 26.98 -4.15 -9.15
N VAL A 237 25.86 -4.62 -9.69
CA VAL A 237 25.22 -3.91 -10.80
C VAL A 237 24.64 -2.59 -10.32
N ALA A 238 23.84 -2.59 -9.26
CA ALA A 238 23.30 -1.34 -8.73
C ALA A 238 24.44 -0.37 -8.41
N GLY A 239 25.51 -0.89 -7.79
CA GLY A 239 26.71 -0.11 -7.48
C GLY A 239 27.23 0.79 -8.60
N GLY A 240 27.08 0.36 -9.85
CA GLY A 240 27.56 1.12 -10.97
C GLY A 240 26.85 2.45 -11.13
N LEU A 241 25.62 2.56 -10.61
CA LEU A 241 24.88 3.80 -10.80
C LEU A 241 25.74 4.97 -10.28
N MET A 242 26.30 4.83 -9.08
CA MET A 242 27.20 5.86 -8.53
C MET A 242 28.66 5.77 -9.00
N TYR A 243 29.22 4.57 -9.01
CA TYR A 243 30.64 4.41 -9.21
C TYR A 243 31.04 4.34 -10.66
N ALA A 244 30.10 4.07 -11.56
CA ALA A 244 30.44 4.05 -12.97
C ALA A 244 30.47 5.47 -13.42
N ALA A 245 29.48 6.24 -12.94
CA ALA A 245 29.27 7.71 -13.14
C ALA A 245 30.37 8.63 -13.75
N PRO A 246 31.63 8.59 -13.27
CA PRO A 246 32.76 9.08 -14.10
C PRO A 246 32.62 8.78 -15.62
N LYS A 247 32.38 7.53 -16.04
CA LYS A 247 32.12 7.17 -17.46
C LYS A 247 30.70 7.56 -17.96
N ARG A 248 30.34 8.82 -17.69
CA ARG A 248 29.04 9.44 -18.02
C ARG A 248 29.08 11.01 -17.82
N LYS A 249 30.00 11.82 -18.42
CA LYS A 249 31.00 11.62 -19.52
C LYS A 249 30.46 11.48 -20.97
N SER A 250 29.12 11.51 -21.13
CA SER A 250 28.42 11.58 -22.42
C SER A 250 27.34 12.69 -22.38
N VAL A 251 26.17 12.45 -22.08
N ALA B 1 23.64 4.15 17.57
CA ALA B 1 23.04 4.97 16.50
C ALA B 1 22.80 4.16 15.25
N LEU B 2 23.62 3.13 15.03
CA LEU B 2 23.57 2.36 13.78
C LEU B 2 22.83 1.04 13.93
N LEU B 3 22.10 0.65 12.88
CA LEU B 3 21.66 -0.73 12.79
C LEU B 3 22.93 -1.60 12.68
N SER B 4 22.82 -2.89 13.01
CA SER B 4 23.97 -3.79 12.92
C SER B 4 24.58 -3.94 11.52
N PHE B 5 23.85 -3.58 10.49
CA PHE B 5 24.34 -3.72 9.12
C PHE B 5 24.42 -2.38 8.38
N GLU B 6 24.17 -1.28 9.09
CA GLU B 6 24.13 0.03 8.47
C GLU B 6 25.48 0.50 7.93
N ARG B 7 26.55 0.35 8.70
CA ARG B 7 27.80 1.00 8.34
C ARG B 7 28.24 0.87 6.89
N LYS B 8 28.25 -0.35 6.33
CA LYS B 8 28.69 -0.52 4.94
C LYS B 8 27.90 0.29 3.94
N TYR B 9 26.76 0.83 4.34
CA TYR B 9 25.96 1.72 3.47
C TYR B 9 26.26 3.24 3.64
N ARG B 10 26.83 3.66 4.76
CA ARG B 10 27.09 5.09 4.97
C ARG B 10 28.35 5.52 4.29
N VAL B 11 28.37 5.53 2.97
CA VAL B 11 29.53 6.00 2.20
C VAL B 11 29.29 7.44 1.75
N PRO B 12 30.33 8.15 1.25
CA PRO B 12 30.11 9.49 0.67
C PRO B 12 29.35 9.40 -0.66
N GLY B 13 28.71 10.47 -1.10
CA GLY B 13 28.08 10.49 -2.42
C GLY B 13 26.57 10.42 -2.41
N GLY B 14 25.97 11.00 -3.45
CA GLY B 14 24.52 11.02 -3.57
C GLY B 14 23.88 12.39 -3.75
N THR B 15 24.19 13.29 -2.84
CA THR B 15 23.61 14.64 -2.75
C THR B 15 23.34 15.31 -4.11
N LEU B 16 22.24 16.08 -4.16
CA LEU B 16 21.85 16.83 -5.35
C LEU B 16 22.58 18.19 -5.41
N VAL B 17 22.82 18.79 -4.25
CA VAL B 17 23.32 20.16 -4.16
C VAL B 17 24.36 20.22 -3.05
N GLY B 18 25.56 20.70 -3.38
CA GLY B 18 26.53 21.14 -2.39
C GLY B 18 27.69 20.22 -2.14
N GLY B 19 27.90 19.27 -3.04
CA GLY B 19 28.93 18.24 -2.88
C GLY B 19 28.86 17.59 -1.51
N ASN B 20 29.95 17.69 -0.75
CA ASN B 20 30.01 16.99 0.53
C ASN B 20 29.67 17.86 1.74
N LEU B 21 29.30 19.11 1.51
CA LEU B 21 29.04 20.04 2.58
C LEU B 21 28.02 19.56 3.58
N PHE B 22 26.93 18.95 3.13
CA PHE B 22 25.85 18.59 4.03
C PHE B 22 25.63 17.08 4.11
N ASP B 23 26.63 16.35 3.65
CA ASP B 23 26.61 14.90 3.55
C ASP B 23 26.98 14.21 4.91
N PHE B 24 25.99 14.14 5.80
CA PHE B 24 26.19 13.51 7.10
C PHE B 24 24.88 13.15 7.80
N TRP B 25 24.97 12.30 8.82
CA TRP B 25 23.81 11.89 9.62
C TRP B 25 23.77 12.69 10.90
N VAL B 26 22.63 12.67 11.59
CA VAL B 26 22.50 13.13 12.97
C VAL B 26 21.64 12.10 13.63
N GLY B 27 22.19 11.33 14.56
CA GLY B 27 21.50 10.16 15.03
C GLY B 27 21.25 9.26 13.83
N PRO B 28 20.01 8.77 13.67
CA PRO B 28 19.66 7.95 12.50
C PRO B 28 19.37 8.78 11.25
N PHE B 29 19.15 10.07 11.41
CA PHE B 29 18.59 10.96 10.37
C PHE B 29 19.65 11.39 9.38
N TYR B 30 19.50 11.03 8.10
CA TYR B 30 20.34 11.66 7.07
C TYR B 30 20.04 13.16 6.95
N VAL B 31 21.07 14.00 6.83
CA VAL B 31 20.84 15.42 6.62
C VAL B 31 20.73 15.74 5.14
N GLY B 32 21.82 16.18 4.50
CA GLY B 32 21.78 16.54 3.08
C GLY B 32 21.48 18.01 2.89
N PHE B 33 21.48 18.49 1.65
CA PHE B 33 21.17 19.92 1.45
C PHE B 33 19.73 20.15 1.80
N PHE B 34 18.89 19.20 1.38
CA PHE B 34 17.44 19.35 1.52
C PHE B 34 16.98 18.98 2.92
N GLY B 35 17.82 18.33 3.70
CA GLY B 35 17.55 18.24 5.13
C GLY B 35 17.62 19.64 5.73
N VAL B 36 18.67 20.39 5.40
CA VAL B 36 18.85 21.77 5.88
C VAL B 36 17.71 22.68 5.31
N ALA B 37 17.40 22.48 4.03
CA ALA B 37 16.25 23.13 3.41
C ALA B 37 14.96 22.83 4.19
N THR B 38 14.66 21.54 4.40
CA THR B 38 13.49 21.17 5.20
C THR B 38 13.45 21.85 6.58
N PHE B 39 14.55 21.82 7.32
CA PHE B 39 14.55 22.43 8.63
C PHE B 39 14.24 23.92 8.56
N PHE B 40 14.87 24.63 7.62
CA PHE B 40 14.69 26.07 7.47
C PHE B 40 13.24 26.48 7.21
N PHE B 41 12.57 25.78 6.28
CA PHE B 41 11.16 26.03 5.97
C PHE B 41 10.26 25.59 7.12
N ALA B 42 10.57 24.49 7.79
CA ALA B 42 9.70 24.01 8.86
C ALA B 42 9.78 24.89 10.12
N ALA B 43 10.98 25.26 10.57
CA ALA B 43 11.07 26.21 11.67
C ALA B 43 10.35 27.54 11.31
N LEU B 44 10.62 28.10 10.13
CA LEU B 44 9.92 29.33 9.75
C LEU B 44 8.39 29.17 9.92
N GLY B 45 7.80 28.23 9.19
CA GLY B 45 6.40 27.91 9.34
C GLY B 45 5.90 27.69 10.77
N ILE B 46 6.68 27.01 11.61
CA ILE B 46 6.24 26.78 13.00
C ILE B 46 6.30 28.10 13.81
N ILE B 47 7.37 28.87 13.67
CA ILE B 47 7.48 30.19 14.28
C ILE B 47 6.27 31.08 13.93
N LEU B 48 5.86 31.05 12.67
CA LEU B 48 4.75 31.87 12.25
C LEU B 48 3.40 31.38 12.77
N ILE B 49 3.24 30.08 12.96
CA ILE B 49 2.02 29.51 13.57
C ILE B 49 2.02 29.84 15.05
N ALA B 50 3.21 29.93 15.64
CA ALA B 50 3.39 30.38 17.02
C ALA B 50 2.98 31.85 17.10
N TRP B 51 3.41 32.66 16.14
CA TRP B 51 3.01 34.05 16.09
C TRP B 51 1.50 34.20 15.89
N SER B 52 0.94 33.43 14.97
CA SER B 52 -0.49 33.40 14.79
C SER B 52 -1.23 33.17 16.10
N ALA B 53 -0.69 32.30 16.92
CA ALA B 53 -1.31 31.94 18.20
C ALA B 53 -1.29 33.11 19.18
N VAL B 54 -0.17 33.82 19.21
CA VAL B 54 0.05 35.00 20.04
C VAL B 54 -0.93 36.15 19.65
N LEU B 55 -1.13 36.33 18.34
CA LEU B 55 -1.99 37.40 17.83
C LEU B 55 -3.45 37.13 18.10
N GLN B 56 -3.86 35.88 18.07
CA GLN B 56 -5.24 35.54 18.39
C GLN B 56 -5.39 35.18 19.87
N GLY B 57 -4.30 35.37 20.62
CA GLY B 57 -4.28 35.23 22.06
C GLY B 57 -4.71 33.90 22.66
N THR B 58 -4.31 32.77 22.05
CA THR B 58 -4.43 31.45 22.69
C THR B 58 -3.21 30.52 22.53
N TRP B 59 -3.11 29.49 23.38
CA TRP B 59 -2.18 28.36 23.16
C TRP B 59 -2.84 26.99 23.05
N ASN B 60 -4.16 26.90 23.21
CA ASN B 60 -4.85 25.61 23.13
C ASN B 60 -4.79 24.99 21.70
N PRO B 61 -4.17 23.81 21.54
CA PRO B 61 -4.03 23.17 20.23
C PRO B 61 -5.37 22.99 19.54
N GLN B 62 -6.41 22.67 20.30
CA GLN B 62 -7.75 22.55 19.75
C GLN B 62 -8.39 23.89 19.34
N LEU B 63 -7.71 25.02 19.51
CA LEU B 63 -8.27 26.31 19.05
C LEU B 63 -7.39 27.25 18.25
N ILE B 64 -6.07 27.08 18.25
CA ILE B 64 -5.24 27.74 17.24
C ILE B 64 -5.73 27.39 15.84
N SER B 65 -5.81 28.39 14.97
CA SER B 65 -6.31 28.14 13.65
C SER B 65 -5.78 29.25 12.77
N VAL B 66 -5.29 28.90 11.60
CA VAL B 66 -4.76 29.90 10.71
C VAL B 66 -5.63 29.98 9.47
N TYR B 67 -6.33 31.11 9.36
CA TYR B 67 -7.32 31.37 8.31
C TYR B 67 -6.75 32.08 7.08
N PRO B 68 -7.13 31.63 5.88
CA PRO B 68 -6.78 32.33 4.64
C PRO B 68 -7.45 33.71 4.53
N PRO B 69 -7.00 34.56 3.61
CA PRO B 69 -7.68 35.84 3.33
C PRO B 69 -9.20 35.69 3.15
N ALA B 70 -9.92 36.75 3.51
CA ALA B 70 -11.30 36.93 3.14
C ALA B 70 -11.44 36.98 1.60
N LEU B 71 -12.57 36.47 1.06
CA LEU B 71 -12.84 36.44 -0.39
C LEU B 71 -12.62 37.78 -1.14
N GLU B 72 -13.02 38.88 -0.53
CA GLU B 72 -12.88 40.19 -1.18
C GLU B 72 -11.38 40.57 -1.47
N TYR B 73 -10.41 39.79 -1.02
CA TYR B 73 -9.00 40.02 -1.36
C TYR B 73 -8.58 39.34 -2.66
N GLY B 74 -9.43 38.51 -3.23
CA GLY B 74 -9.12 37.76 -4.43
C GLY B 74 -7.82 36.99 -4.32
N LEU B 75 -7.02 37.06 -5.38
CA LEU B 75 -5.70 36.43 -5.44
C LEU B 75 -4.56 37.36 -4.98
N GLY B 76 -4.88 38.51 -4.38
CA GLY B 76 -3.86 39.46 -3.97
C GLY B 76 -3.19 39.09 -2.65
N GLY B 77 -2.17 39.84 -2.24
CA GLY B 77 -1.62 39.75 -0.88
C GLY B 77 -2.57 40.29 0.18
N ALA B 78 -2.40 39.91 1.44
CA ALA B 78 -3.32 40.39 2.47
C ALA B 78 -2.47 40.81 3.66
N PRO B 79 -2.97 41.71 4.50
CA PRO B 79 -2.19 42.09 5.69
C PRO B 79 -2.00 40.86 6.53
N LEU B 80 -0.93 40.85 7.32
CA LEU B 80 -0.51 39.67 8.04
C LEU B 80 -1.61 39.00 8.88
N ALA B 81 -2.28 39.81 9.71
CA ALA B 81 -3.33 39.32 10.62
C ALA B 81 -4.67 39.04 9.94
N LYS B 82 -4.75 39.29 8.64
CA LYS B 82 -5.98 39.04 7.92
C LYS B 82 -5.71 38.10 6.77
N GLY B 83 -4.86 37.11 7.02
CA GLY B 83 -4.55 36.07 6.05
C GLY B 83 -3.22 36.15 5.30
N GLY B 84 -2.40 37.12 5.63
CA GLY B 84 -1.07 37.19 5.06
C GLY B 84 -0.26 36.09 5.70
N LEU B 85 -0.41 35.92 7.03
CA LEU B 85 0.27 34.84 7.76
C LEU B 85 -0.03 33.47 7.16
N TRP B 86 -1.31 33.25 6.79
CA TRP B 86 -1.76 32.02 6.11
C TRP B 86 -1.02 31.82 4.80
N GLN B 87 -0.86 32.88 4.03
CA GLN B 87 -0.19 32.81 2.75
C GLN B 87 1.27 32.39 2.95
N ILE B 88 1.94 32.94 3.97
CA ILE B 88 3.37 32.68 4.16
C ILE B 88 3.59 31.27 4.68
N ILE B 89 2.76 30.82 5.61
CA ILE B 89 2.80 29.44 6.08
C ILE B 89 2.56 28.46 4.92
N THR B 90 1.67 28.80 4.02
CA THR B 90 1.43 27.94 2.88
C THR B 90 2.68 27.79 2.01
N ILE B 91 3.41 28.88 1.83
CA ILE B 91 4.70 28.83 1.12
C ILE B 91 5.71 27.94 1.91
N CYS B 92 5.76 28.14 3.22
CA CYS B 92 6.59 27.32 4.10
C CYS B 92 6.28 25.84 4.01
N ALA B 93 4.99 25.48 4.12
CA ALA B 93 4.57 24.10 4.02
C ALA B 93 5.07 23.50 2.68
N THR B 94 4.80 24.19 1.56
CA THR B 94 5.13 23.69 0.25
C THR B 94 6.62 23.44 0.15
N GLY B 95 7.42 24.41 0.57
CA GLY B 95 8.86 24.30 0.53
C GLY B 95 9.28 23.15 1.43
N ALA B 96 8.68 23.05 2.61
CA ALA B 96 8.94 21.90 3.48
C ALA B 96 8.65 20.59 2.78
N PHE B 97 7.49 20.48 2.11
CA PHE B 97 7.11 19.19 1.51
C PHE B 97 7.99 18.82 0.35
N VAL B 98 8.14 19.72 -0.63
CA VAL B 98 9.07 19.51 -1.75
C VAL B 98 10.52 19.21 -1.26
N SER B 99 11.00 19.93 -0.24
CA SER B 99 12.33 19.60 0.31
C SER B 99 12.42 18.15 0.81
N TRP B 100 11.35 17.70 1.48
CA TRP B 100 11.30 16.37 2.08
C TRP B 100 11.42 15.33 0.98
N ALA B 101 10.67 15.52 -0.09
CA ALA B 101 10.79 14.65 -1.25
C ALA B 101 12.23 14.64 -1.78
N LEU B 102 12.75 15.81 -2.10
CA LEU B 102 14.10 15.98 -2.62
C LEU B 102 15.21 15.35 -1.72
N ARG B 103 15.03 15.44 -0.40
CA ARG B 103 15.93 14.77 0.52
C ARG B 103 15.83 13.26 0.34
N GLU B 104 14.60 12.78 0.16
CA GLU B 104 14.37 11.38 -0.14
C GLU B 104 15.10 10.95 -1.41
N VAL B 105 15.08 11.80 -2.43
CA VAL B 105 15.84 11.51 -3.62
C VAL B 105 17.34 11.36 -3.33
N GLU B 106 17.92 12.24 -2.50
CA GLU B 106 19.31 12.07 -2.12
C GLU B 106 19.52 10.73 -1.42
N ILE B 107 18.62 10.35 -0.50
CA ILE B 107 18.71 9.04 0.19
C ILE B 107 18.65 7.86 -0.82
N CYS B 108 17.70 7.87 -1.72
CA CYS B 108 17.73 6.96 -2.85
C CYS B 108 19.07 6.90 -3.58
N ARG B 109 19.56 8.06 -4.00
CA ARG B 109 20.83 8.11 -4.68
C ARG B 109 21.88 7.37 -3.84
N LYS B 110 21.98 7.74 -2.57
CA LYS B 110 22.99 7.13 -1.71
C LYS B 110 22.89 5.62 -1.65
N LEU B 111 21.68 5.08 -1.43
CA LEU B 111 21.43 3.64 -1.26
C LEU B 111 21.43 2.83 -2.56
N GLY B 112 21.34 3.51 -3.70
CA GLY B 112 21.19 2.79 -4.96
C GLY B 112 19.81 2.14 -5.19
N ILE B 113 18.74 2.73 -4.65
CA ILE B 113 17.41 2.20 -4.91
C ILE B 113 16.65 3.01 -5.97
N GLY B 114 15.42 2.64 -6.26
CA GLY B 114 14.69 3.37 -7.27
C GLY B 114 14.07 4.57 -6.62
N TYR B 115 13.70 5.54 -7.44
CA TYR B 115 12.97 6.72 -6.96
C TYR B 115 11.45 6.58 -6.68
N HIS B 116 10.91 5.36 -6.58
CA HIS B 116 9.47 5.14 -6.40
C HIS B 116 8.85 5.77 -5.19
N ILE B 117 9.55 5.79 -4.06
CA ILE B 117 8.99 6.41 -2.86
C ILE B 117 8.62 7.91 -2.99
N PRO B 118 9.59 8.80 -3.30
CA PRO B 118 9.31 10.24 -3.37
C PRO B 118 8.31 10.59 -4.49
N PHE B 119 8.41 9.84 -5.57
CA PHE B 119 7.43 9.97 -6.64
C PHE B 119 6.04 9.68 -6.09
N ALA B 120 5.90 8.65 -5.27
CA ALA B 120 4.58 8.37 -4.75
C ALA B 120 4.16 9.49 -3.76
N PHE B 121 5.14 10.04 -3.08
CA PHE B 121 4.88 11.13 -2.18
C PHE B 121 4.40 12.39 -2.94
N ALA B 122 4.90 12.62 -4.16
CA ALA B 122 4.57 13.85 -4.88
C ALA B 122 3.06 13.89 -5.08
N PHE B 123 2.42 12.71 -5.23
CA PHE B 123 0.96 12.61 -5.33
C PHE B 123 0.24 13.17 -4.11
N ALA B 124 0.76 12.97 -2.91
CA ALA B 124 0.09 13.53 -1.76
C ALA B 124 0.24 15.04 -1.82
N ILE B 125 1.44 15.50 -2.22
CA ILE B 125 1.78 16.90 -2.28
C ILE B 125 0.77 17.61 -3.18
N LEU B 126 0.47 17.00 -4.33
CA LEU B 126 -0.39 17.62 -5.33
C LEU B 126 -1.82 17.61 -4.87
N ALA B 127 -2.17 16.70 -3.99
CA ALA B 127 -3.52 16.76 -3.40
C ALA B 127 -3.63 18.04 -2.53
N TYR B 128 -2.61 18.26 -1.71
CA TYR B 128 -2.59 19.40 -0.80
C TYR B 128 -2.66 20.63 -1.68
N LEU B 129 -1.70 20.75 -2.58
CA LEU B 129 -1.61 21.86 -3.52
C LEU B 129 -2.89 22.13 -4.35
N THR B 130 -3.68 21.09 -4.58
CA THR B 130 -4.95 21.31 -5.23
C THR B 130 -5.87 22.12 -4.34
N LEU B 131 -5.89 21.84 -3.04
CA LEU B 131 -6.82 22.51 -2.16
C LEU B 131 -6.41 23.92 -1.76
N VAL B 132 -5.11 24.16 -1.68
CA VAL B 132 -4.65 25.46 -1.22
C VAL B 132 -4.14 26.38 -2.34
N LEU B 133 -3.94 25.84 -3.54
CA LEU B 133 -3.36 26.60 -4.63
C LEU B 133 -4.08 26.42 -5.96
N PHE B 134 -4.19 25.22 -6.51
CA PHE B 134 -4.78 25.15 -7.84
C PHE B 134 -6.28 25.51 -7.84
N ARG B 135 -7.01 25.03 -6.85
CA ARG B 135 -8.44 25.31 -6.78
C ARG B 135 -8.81 26.77 -6.41
N PRO B 136 -8.16 27.37 -5.39
CA PRO B 136 -8.34 28.81 -5.14
C PRO B 136 -7.99 29.70 -6.34
N VAL B 137 -6.92 29.37 -7.08
CA VAL B 137 -6.49 30.20 -8.19
C VAL B 137 -7.54 30.11 -9.31
N MET B 138 -8.02 28.91 -9.57
CA MET B 138 -9.04 28.76 -10.58
C MET B 138 -10.38 29.32 -10.11
N MET B 139 -10.63 29.34 -8.80
CA MET B 139 -11.86 29.99 -8.34
C MET B 139 -11.74 31.50 -8.31
N GLY B 140 -10.52 32.01 -8.08
CA GLY B 140 -10.26 33.43 -8.19
C GLY B 140 -10.00 34.08 -6.86
N ALA B 141 -9.78 33.30 -5.80
CA ALA B 141 -9.64 33.83 -4.46
C ALA B 141 -8.98 32.85 -3.48
N TRP B 142 -7.99 33.32 -2.72
CA TRP B 142 -7.30 32.53 -1.72
C TRP B 142 -8.28 32.02 -0.67
N GLY B 143 -9.38 32.74 -0.49
CA GLY B 143 -10.27 32.43 0.61
C GLY B 143 -11.01 31.10 0.49
N TYR B 144 -10.97 30.49 -0.67
CA TYR B 144 -11.55 29.17 -0.86
C TYR B 144 -10.73 28.00 -0.28
N ALA B 145 -9.48 28.29 0.08
CA ALA B 145 -8.60 27.30 0.68
C ALA B 145 -9.06 26.90 2.07
N PHE B 146 -8.57 25.78 2.58
CA PHE B 146 -8.89 25.42 3.97
C PHE B 146 -8.08 26.16 5.07
N PRO B 147 -8.68 26.30 6.25
CA PRO B 147 -7.95 26.87 7.39
C PRO B 147 -7.05 25.81 8.10
N TYR B 148 -5.94 26.28 8.67
CA TYR B 148 -5.02 25.42 9.42
C TYR B 148 -5.37 25.44 10.90
N GLY B 149 -6.36 24.62 11.25
CA GLY B 149 -6.73 24.35 12.62
C GLY B 149 -7.19 22.91 12.69
N ILE B 150 -6.91 22.23 13.81
CA ILE B 150 -7.31 20.83 13.98
C ILE B 150 -8.84 20.62 13.81
N TRP B 151 -9.63 21.54 14.37
CA TRP B 151 -11.07 21.43 14.20
C TRP B 151 -11.62 22.27 13.07
N THR B 152 -11.02 23.42 12.79
CA THR B 152 -11.61 24.31 11.79
C THR B 152 -11.50 23.74 10.38
N HIS B 153 -10.48 22.90 10.11
CA HIS B 153 -10.41 22.21 8.80
C HIS B 153 -11.61 21.29 8.52
N LEU B 154 -12.13 20.69 9.57
CA LEU B 154 -13.32 19.88 9.41
C LEU B 154 -14.54 20.70 9.09
N ASP B 155 -14.66 21.91 9.66
CA ASP B 155 -15.78 22.80 9.30
C ASP B 155 -15.68 23.13 7.85
N TRP B 156 -14.46 23.31 7.40
CA TRP B 156 -14.24 23.70 6.04
C TRP B 156 -14.64 22.56 5.13
N VAL B 157 -14.44 21.32 5.59
CA VAL B 157 -14.68 20.14 4.74
C VAL B 157 -16.16 20.07 4.55
N SER B 158 -16.83 20.12 5.69
CA SER B 158 -18.26 20.12 5.82
C SER B 158 -18.98 21.25 5.05
N ASN B 159 -18.48 22.49 5.07
CA ASN B 159 -19.20 23.52 4.30
C ASN B 159 -19.03 23.38 2.85
N THR B 160 -17.82 23.03 2.43
CA THR B 160 -17.59 22.75 1.03
C THR B 160 -18.54 21.64 0.64
N GLY B 161 -18.62 20.58 1.42
CA GLY B 161 -19.52 19.48 1.09
C GLY B 161 -20.92 19.98 0.81
N TYR B 162 -21.56 20.55 1.83
CA TYR B 162 -22.98 20.85 1.77
C TYR B 162 -23.37 22.06 0.90
N THR B 163 -22.37 22.77 0.38
CA THR B 163 -22.63 23.79 -0.63
C THR B 163 -23.20 23.15 -1.88
N TYR B 164 -22.79 21.92 -2.20
CA TYR B 164 -23.28 21.25 -3.41
C TYR B 164 -24.26 20.12 -3.11
N GLY B 165 -24.86 20.17 -1.92
CA GLY B 165 -25.88 19.22 -1.54
C GLY B 165 -25.23 18.13 -0.74
N ASN B 166 -25.58 16.89 -1.05
CA ASN B 166 -24.82 15.73 -0.61
C ASN B 166 -23.64 15.49 -1.59
N PHE B 167 -22.44 15.87 -1.16
CA PHE B 167 -21.22 15.63 -1.91
C PHE B 167 -21.05 14.18 -2.42
N HIS B 168 -21.83 13.25 -1.86
CA HIS B 168 -21.77 11.85 -2.31
C HIS B 168 -22.09 11.72 -3.77
N TYR B 169 -22.66 12.77 -4.35
CA TYR B 169 -23.13 12.65 -5.72
C TYR B 169 -22.09 13.20 -6.68
N ASN B 170 -20.96 13.67 -6.15
CA ASN B 170 -19.82 13.88 -7.00
C ASN B 170 -19.34 12.52 -7.60
N PRO B 171 -19.47 12.36 -8.92
CA PRO B 171 -18.99 11.14 -9.60
C PRO B 171 -17.52 10.82 -9.30
N ALA B 172 -16.63 11.81 -9.47
CA ALA B 172 -15.21 11.66 -9.16
C ALA B 172 -14.94 11.32 -7.68
N HIS B 173 -15.78 11.82 -6.76
CA HIS B 173 -15.71 11.50 -5.31
C HIS B 173 -15.99 9.99 -5.09
N MET B 174 -16.86 9.42 -5.96
CA MET B 174 -17.30 8.03 -5.84
C MET B 174 -16.19 7.08 -6.31
N ILE B 175 -15.55 7.44 -7.42
CA ILE B 175 -14.43 6.66 -7.94
C ILE B 175 -13.32 6.72 -6.87
N ALA B 176 -13.10 7.93 -6.35
CA ALA B 176 -12.14 8.12 -5.28
C ALA B 176 -12.38 7.17 -4.06
N ILE B 177 -13.64 7.03 -3.67
CA ILE B 177 -13.96 6.27 -2.44
C ILE B 177 -13.78 4.77 -2.68
N SER B 178 -14.17 4.33 -3.86
CA SER B 178 -13.95 2.95 -4.27
C SER B 178 -12.50 2.61 -4.09
N PHE B 179 -11.60 3.49 -4.49
CA PHE B 179 -10.18 3.23 -4.37
C PHE B 179 -9.69 3.17 -2.93
N PHE B 180 -10.16 4.05 -2.05
CA PHE B 180 -9.70 4.04 -0.65
C PHE B 180 -10.20 2.78 0.03
N PHE B 181 -11.39 2.37 -0.38
CA PHE B 181 -11.97 1.18 0.18
C PHE B 181 -11.21 -0.07 -0.31
N THR B 182 -10.93 -0.09 -1.62
CA THR B 182 -10.24 -1.22 -2.24
C THR B 182 -8.79 -1.26 -1.77
N ASN B 183 -8.14 -0.10 -1.77
CA ASN B 183 -6.79 -0.06 -1.21
C ASN B 183 -6.72 -0.73 0.14
N ALA B 184 -7.66 -0.42 1.04
CA ALA B 184 -7.65 -1.02 2.39
C ALA B 184 -7.90 -2.57 2.39
N LEU B 185 -8.83 -3.02 1.55
CA LEU B 185 -9.10 -4.42 1.40
C LEU B 185 -7.78 -5.12 1.02
N ALA B 186 -7.12 -4.59 0.00
CA ALA B 186 -5.84 -5.13 -0.46
C ALA B 186 -4.77 -5.05 0.63
N LEU B 187 -4.69 -3.94 1.36
CA LEU B 187 -3.68 -3.88 2.39
C LEU B 187 -3.86 -5.01 3.38
N ALA B 188 -5.11 -5.23 3.82
CA ALA B 188 -5.42 -6.29 4.79
C ALA B 188 -5.09 -7.70 4.23
N LEU B 189 -5.51 -7.95 3.00
CA LEU B 189 -5.21 -9.22 2.39
C LEU B 189 -3.70 -9.41 2.25
N HIS B 190 -2.96 -8.45 1.67
CA HIS B 190 -1.49 -8.59 1.53
C HIS B 190 -0.91 -8.97 2.86
N GLY B 191 -1.28 -8.20 3.89
CA GLY B 191 -0.73 -8.38 5.22
C GLY B 191 -0.98 -9.80 5.66
N ALA B 192 -2.26 -10.20 5.62
CA ALA B 192 -2.69 -11.51 6.09
C ALA B 192 -1.94 -12.68 5.40
N LEU B 193 -1.84 -12.62 4.08
CA LEU B 193 -1.19 -13.66 3.28
C LEU B 193 0.27 -13.86 3.65
N VAL B 194 1.09 -12.81 3.56
CA VAL B 194 2.48 -12.90 3.96
C VAL B 194 2.63 -13.49 5.38
N LEU B 195 1.94 -12.91 6.35
CA LEU B 195 2.05 -13.35 7.73
C LEU B 195 1.61 -14.81 7.94
N SER B 196 0.58 -15.23 7.20
CA SER B 196 0.01 -16.55 7.41
C SER B 196 0.99 -17.62 6.86
N ALA B 197 1.73 -17.28 5.79
CA ALA B 197 2.81 -18.16 5.30
C ALA B 197 4.03 -18.09 6.24
N ALA B 198 4.34 -16.90 6.73
CA ALA B 198 5.49 -16.74 7.62
C ALA B 198 5.27 -17.44 8.97
N ASN B 199 4.00 -17.57 9.36
CA ASN B 199 3.55 -18.08 10.68
C ASN B 199 2.50 -19.21 10.55
N PRO B 200 2.96 -20.42 10.21
CA PRO B 200 2.03 -21.50 9.90
C PRO B 200 1.46 -22.10 11.18
N GLU B 201 0.58 -23.08 11.00
CA GLU B 201 0.05 -23.92 12.09
C GLU B 201 1.16 -24.50 13.02
N LYS B 202 0.80 -24.72 14.29
CA LYS B 202 1.77 -25.07 15.34
C LYS B 202 2.72 -26.18 14.87
N GLY B 203 4.02 -25.91 14.95
CA GLY B 203 5.02 -26.89 14.57
C GLY B 203 5.20 -27.27 13.11
N LYS B 204 4.42 -26.69 12.19
CA LYS B 204 4.67 -26.80 10.74
C LYS B 204 5.87 -25.98 10.26
N GLU B 205 6.34 -26.28 9.06
CA GLU B 205 7.38 -25.46 8.42
C GLU B 205 6.74 -24.29 7.70
N MET B 206 7.32 -23.10 7.93
CA MET B 206 7.15 -21.93 7.07
C MET B 206 6.74 -22.31 5.65
N ARG B 207 5.62 -21.70 5.24
CA ARG B 207 5.04 -21.94 3.93
C ARG B 207 5.85 -21.16 2.88
N THR B 208 5.58 -21.35 1.61
CA THR B 208 6.33 -20.70 0.54
C THR B 208 5.38 -19.80 -0.28
N PRO B 209 5.93 -18.87 -1.05
CA PRO B 209 5.14 -18.11 -2.00
C PRO B 209 4.24 -18.98 -2.86
N ASP B 210 4.45 -20.29 -2.94
CA ASP B 210 3.59 -21.16 -3.75
C ASP B 210 2.31 -21.44 -3.02
N HIS B 211 2.42 -21.76 -1.73
CA HIS B 211 1.27 -21.78 -0.86
C HIS B 211 0.44 -20.47 -0.87
N GLU B 212 1.11 -19.33 -1.04
CA GLU B 212 0.47 -18.03 -1.07
C GLU B 212 -0.39 -17.84 -2.31
N ASP B 213 0.20 -18.10 -3.49
CA ASP B 213 -0.51 -18.08 -4.76
C ASP B 213 -1.65 -19.09 -4.70
N THR B 214 -1.36 -20.25 -4.10
CA THR B 214 -2.32 -21.33 -4.04
C THR B 214 -3.53 -20.96 -3.19
N PHE B 215 -3.31 -20.51 -1.95
CA PHE B 215 -4.40 -20.08 -1.10
C PHE B 215 -5.23 -19.01 -1.79
N PHE B 216 -4.59 -18.00 -2.35
CA PHE B 216 -5.39 -16.98 -2.98
C PHE B 216 -6.17 -17.52 -4.18
N ARG B 217 -5.52 -18.35 -5.01
CA ARG B 217 -6.19 -18.96 -6.15
C ARG B 217 -7.32 -19.89 -5.67
N ASP B 218 -7.03 -20.71 -4.65
CA ASP B 218 -8.06 -21.58 -4.12
C ASP B 218 -9.26 -20.72 -3.70
N LEU B 219 -8.98 -19.57 -3.09
CA LEU B 219 -10.01 -18.67 -2.61
C LEU B 219 -10.81 -17.95 -3.68
N VAL B 220 -10.15 -17.36 -4.68
CA VAL B 220 -10.85 -16.50 -5.68
C VAL B 220 -10.49 -16.78 -7.15
N GLY B 221 -9.73 -17.85 -7.41
CA GLY B 221 -9.38 -18.27 -8.75
C GLY B 221 -8.37 -17.39 -9.47
N TYR B 222 -7.65 -16.56 -8.70
CA TYR B 222 -6.60 -15.69 -9.24
C TYR B 222 -5.52 -15.39 -8.20
N SER B 223 -4.34 -15.04 -8.69
CA SER B 223 -3.28 -14.47 -7.89
C SER B 223 -2.52 -13.50 -8.75
N ILE B 224 -2.29 -12.31 -8.21
CA ILE B 224 -1.58 -11.27 -8.92
C ILE B 224 -0.07 -11.46 -8.89
N GLY B 225 0.46 -12.09 -7.86
CA GLY B 225 1.90 -12.29 -7.79
C GLY B 225 2.64 -11.32 -6.89
N THR B 226 3.85 -11.69 -6.49
CA THR B 226 4.65 -10.91 -5.52
C THR B 226 4.96 -9.49 -6.04
N LEU B 227 5.39 -9.39 -7.30
CA LEU B 227 5.63 -8.09 -7.88
C LEU B 227 4.28 -7.42 -8.05
N GLY B 228 3.36 -8.18 -8.61
CA GLY B 228 1.99 -7.72 -8.83
C GLY B 228 1.36 -6.98 -7.66
N ILE B 229 1.33 -7.60 -6.49
CA ILE B 229 0.62 -7.00 -5.35
C ILE B 229 1.23 -5.67 -4.88
N HIS B 230 2.56 -5.56 -4.88
CA HIS B 230 3.18 -4.30 -4.52
C HIS B 230 2.86 -3.16 -5.59
N ARG B 231 2.92 -3.46 -6.88
CA ARG B 231 2.35 -2.56 -7.92
C ARG B 231 0.87 -2.21 -7.66
N LEU B 232 0.06 -3.20 -7.30
CA LEU B 232 -1.35 -2.96 -7.00
C LEU B 232 -1.55 -2.02 -5.81
N GLY B 233 -0.94 -2.31 -4.68
CA GLY B 233 -1.07 -1.41 -3.56
C GLY B 233 -0.75 0.00 -4.00
N LEU B 234 0.32 0.17 -4.78
CA LEU B 234 0.76 1.50 -5.15
C LEU B 234 -0.25 2.19 -6.05
N LEU B 235 -0.74 1.44 -7.03
CA LEU B 235 -1.73 1.93 -7.95
C LEU B 235 -3.02 2.34 -7.23
N LEU B 236 -3.51 1.49 -6.34
CA LEU B 236 -4.74 1.74 -5.63
C LEU B 236 -4.63 3.04 -4.82
N SER B 237 -3.55 3.20 -4.06
CA SER B 237 -3.54 4.42 -3.26
C SER B 237 -3.20 5.70 -4.03
N LEU B 238 -2.36 5.63 -5.04
CA LEU B 238 -2.18 6.81 -5.90
C LEU B 238 -3.49 7.20 -6.65
N SER B 239 -4.14 6.23 -7.29
CA SER B 239 -5.45 6.46 -7.94
C SER B 239 -6.44 7.02 -6.92
N ALA B 240 -6.48 6.44 -5.71
CA ALA B 240 -7.30 7.05 -4.68
C ALA B 240 -7.10 8.60 -4.62
N VAL B 241 -5.86 9.04 -4.49
CA VAL B 241 -5.54 10.48 -4.33
C VAL B 241 -5.71 11.31 -5.62
N PHE B 242 -5.33 10.73 -6.75
CA PHE B 242 -5.53 11.39 -8.01
C PHE B 242 -6.99 11.77 -8.20
N PHE B 243 -7.91 10.84 -7.93
CA PHE B 243 -9.33 11.09 -8.12
C PHE B 243 -9.89 12.02 -7.04
N SER B 244 -9.20 12.12 -5.91
CA SER B 244 -9.60 13.07 -4.90
C SER B 244 -9.32 14.47 -5.41
N ALA B 245 -8.11 14.68 -5.88
CA ALA B 245 -7.69 15.95 -6.39
C ALA B 245 -8.62 16.34 -7.54
N LEU B 246 -8.95 15.35 -8.37
CA LEU B 246 -9.78 15.58 -9.54
C LEU B 246 -11.19 15.95 -9.11
N CYS B 247 -11.66 15.35 -8.00
CA CYS B 247 -13.06 15.54 -7.64
C CYS B 247 -13.23 16.92 -7.04
N MET B 248 -12.16 17.44 -6.46
CA MET B 248 -12.14 18.79 -5.91
C MET B 248 -11.73 19.85 -6.95
N ILE B 249 -10.95 19.46 -7.95
CA ILE B 249 -10.51 20.40 -8.97
C ILE B 249 -11.71 20.82 -9.81
N ILE B 250 -12.62 19.90 -10.06
CA ILE B 250 -13.80 20.21 -10.86
C ILE B 250 -14.89 20.90 -10.04
N THR B 251 -14.78 20.85 -8.71
CA THR B 251 -15.86 21.40 -7.90
C THR B 251 -15.70 22.88 -7.65
N GLY B 252 -16.69 23.61 -8.15
CA GLY B 252 -16.72 25.05 -8.09
C GLY B 252 -15.96 25.73 -9.22
N THR B 253 -15.53 24.95 -10.20
CA THR B 253 -14.87 25.51 -11.37
C THR B 253 -15.71 25.11 -12.54
N ILE B 254 -15.60 23.87 -13.02
CA ILE B 254 -16.48 23.46 -14.12
C ILE B 254 -17.87 22.99 -13.70
N TRP B 255 -18.06 22.64 -12.42
CA TRP B 255 -19.37 22.35 -11.83
C TRP B 255 -19.54 23.03 -10.48
N PHE B 256 -20.50 23.92 -10.36
CA PHE B 256 -20.78 24.63 -9.08
C PHE B 256 -22.25 24.49 -8.61
N ASP B 257 -23.06 23.70 -9.28
CA ASP B 257 -24.40 23.46 -8.81
C ASP B 257 -24.53 22.27 -7.84
N GLN B 258 -25.77 21.89 -7.53
CA GLN B 258 -26.00 20.67 -6.74
C GLN B 258 -25.50 19.41 -7.48
N TRP B 259 -24.56 18.70 -6.87
CA TRP B 259 -24.04 17.49 -7.53
C TRP B 259 -25.15 16.52 -7.96
N VAL B 260 -26.11 16.28 -7.07
CA VAL B 260 -27.26 15.41 -7.36
C VAL B 260 -27.88 15.73 -8.72
N ASP B 261 -27.80 16.99 -9.15
CA ASP B 261 -28.46 17.42 -10.37
C ASP B 261 -27.72 17.06 -11.65
N TRP B 262 -26.41 16.85 -11.53
CA TRP B 262 -25.59 16.28 -12.60
C TRP B 262 -26.16 14.96 -13.18
N TRP B 263 -26.74 14.12 -12.33
CA TRP B 263 -27.23 12.80 -12.76
C TRP B 263 -28.41 12.82 -13.74
N GLN B 264 -29.05 13.98 -13.84
CA GLN B 264 -30.19 14.13 -14.71
C GLN B 264 -29.88 13.87 -16.21
N TRP B 265 -28.68 14.15 -16.69
CA TRP B 265 -28.33 13.81 -18.08
C TRP B 265 -28.69 12.38 -18.48
N TRP B 266 -28.55 11.41 -17.58
CA TRP B 266 -28.92 10.03 -17.89
C TRP B 266 -30.43 9.81 -17.93
N VAL B 267 -31.11 10.26 -16.88
CA VAL B 267 -32.56 10.09 -16.74
C VAL B 267 -33.26 10.73 -17.95
N LYS B 268 -32.79 11.92 -18.32
CA LYS B 268 -33.41 12.72 -19.35
C LYS B 268 -32.97 12.41 -20.77
N LEU B 269 -32.28 11.27 -20.97
CA LEU B 269 -31.87 10.86 -22.33
C LEU B 269 -33.10 10.62 -23.18
N PRO B 270 -33.09 11.19 -24.39
CA PRO B 270 -34.29 11.20 -25.27
C PRO B 270 -35.01 9.85 -25.45
N TRP B 271 -34.30 8.73 -25.53
CA TRP B 271 -34.99 7.46 -25.75
C TRP B 271 -35.91 6.99 -24.62
N TRP B 272 -35.68 7.43 -23.38
CA TRP B 272 -36.51 6.96 -22.25
C TRP B 272 -36.93 8.05 -21.27
N ALA B 273 -36.47 9.26 -21.53
CA ALA B 273 -36.84 10.42 -20.74
C ALA B 273 -38.33 10.44 -20.33
N ASN B 274 -39.18 9.70 -21.05
CA ASN B 274 -40.67 9.81 -20.98
C ASN B 274 -41.51 8.56 -20.69
N ILE B 275 -40.89 7.39 -20.54
CA ILE B 275 -41.66 6.19 -20.23
C ILE B 275 -42.18 6.26 -18.79
N PRO B 276 -43.50 6.22 -18.61
CA PRO B 276 -44.12 6.25 -17.27
C PRO B 276 -43.69 5.06 -16.37
N GLY B 277 -43.90 5.17 -15.06
CA GLY B 277 -43.50 4.16 -14.10
C GLY B 277 -42.04 4.18 -13.65
N GLY B 278 -41.66 3.21 -12.83
CA GLY B 278 -40.33 3.23 -12.24
C GLY B 278 -40.26 4.40 -11.27
N ILE B 279 -39.05 4.93 -11.02
CA ILE B 279 -38.88 5.96 -10.01
C ILE B 279 -39.08 7.36 -10.58
N ASN B 280 -38.45 7.64 -11.71
CA ASN B 280 -38.38 9.00 -12.26
C ASN B 280 -39.46 9.40 -13.30
N GLY B 281 -40.26 8.45 -13.72
CA GLY B 281 -41.37 8.72 -14.63
C GLY B 281 -42.65 8.25 -13.98
N ALA C 1 13.43 8.74 -15.35
CA ALA C 1 12.61 7.79 -16.18
C ALA C 1 13.38 6.63 -16.88
N GLU C 2 14.30 5.93 -16.16
CA GLU C 2 15.06 4.75 -16.70
C GLU C 2 14.13 3.53 -16.99
N TYR C 3 14.55 2.30 -16.68
CA TYR C 3 13.56 1.22 -16.61
C TYR C 3 12.81 1.33 -15.26
N GLN C 4 11.53 1.73 -15.33
CA GLN C 4 10.80 2.20 -14.14
C GLN C 4 9.80 1.24 -13.46
N ASN C 5 9.64 0.04 -14.02
CA ASN C 5 9.05 -1.13 -13.31
C ASN C 5 7.60 -1.09 -12.82
N ILE C 6 6.71 -0.48 -13.59
CA ILE C 6 5.28 -0.60 -13.32
C ILE C 6 4.66 -1.63 -14.27
N PHE C 7 5.25 -1.76 -15.46
CA PHE C 7 4.87 -2.77 -16.45
C PHE C 7 6.09 -3.59 -16.81
N SER C 8 5.89 -4.88 -17.06
CA SER C 8 6.97 -5.79 -17.46
C SER C 8 7.32 -5.69 -18.94
N GLN C 9 8.61 -5.71 -19.24
CA GLN C 9 9.08 -5.65 -20.64
C GLN C 9 8.88 -6.93 -21.45
N VAL C 10 8.93 -8.07 -20.78
CA VAL C 10 8.96 -9.36 -21.44
C VAL C 10 8.11 -10.30 -20.61
N GLN C 11 7.18 -11.00 -21.23
CA GLN C 11 6.44 -12.01 -20.47
C GLN C 11 6.94 -13.40 -20.87
N VAL C 12 6.84 -14.34 -19.95
CA VAL C 12 7.22 -15.71 -20.21
C VAL C 12 6.08 -16.59 -19.75
N ARG C 13 6.11 -17.86 -20.10
CA ARG C 13 4.99 -18.78 -19.83
C ARG C 13 5.55 -20.18 -19.79
N GLY C 14 5.05 -20.98 -18.86
CA GLY C 14 5.44 -22.37 -18.73
C GLY C 14 4.26 -23.31 -18.44
N PRO C 15 4.55 -24.62 -18.33
CA PRO C 15 3.54 -25.61 -17.94
C PRO C 15 2.73 -25.04 -16.80
N ALA C 16 1.44 -25.37 -16.79
CA ALA C 16 0.50 -24.73 -15.88
C ALA C 16 0.70 -25.10 -14.41
N ASP C 17 0.62 -24.06 -13.58
CA ASP C 17 0.70 -24.15 -12.12
C ASP C 17 -0.60 -24.67 -11.46
N LEU C 18 -0.79 -25.99 -11.35
CA LEU C 18 -1.93 -26.50 -10.58
C LEU C 18 -1.83 -26.28 -9.05
N GLY C 19 -0.64 -25.94 -8.54
CA GLY C 19 -0.48 -25.50 -7.16
C GLY C 19 -0.25 -26.52 -6.04
N MET C 20 0.04 -26.01 -4.84
CA MET C 20 0.28 -26.83 -3.63
C MET C 20 -0.89 -27.73 -3.32
N THR C 21 -0.57 -28.87 -2.70
CA THR C 21 -1.52 -29.95 -2.47
C THR C 21 -1.82 -29.93 -0.98
N GLU C 22 -0.80 -30.20 -0.18
CA GLU C 22 -0.96 -30.41 1.26
C GLU C 22 -2.23 -31.29 1.50
N ASP C 23 -3.18 -30.86 2.34
CA ASP C 23 -4.42 -31.63 2.59
C ASP C 23 -5.62 -31.20 1.75
N VAL C 24 -5.36 -30.64 0.58
CA VAL C 24 -6.43 -30.06 -0.23
C VAL C 24 -7.05 -31.15 -1.08
N ASN C 25 -8.38 -31.36 -0.94
CA ASN C 25 -9.08 -32.37 -1.74
C ASN C 25 -9.09 -32.01 -3.25
N LEU C 26 -8.14 -32.57 -3.98
CA LEU C 26 -7.86 -32.11 -5.34
C LEU C 26 -9.00 -32.30 -6.35
N ALA C 27 -9.96 -33.16 -6.02
CA ALA C 27 -11.18 -33.36 -6.82
C ALA C 27 -11.99 -32.06 -6.97
N ASN C 28 -11.91 -31.21 -5.95
CA ASN C 28 -12.61 -29.93 -5.86
C ASN C 28 -12.00 -28.73 -6.63
N ARG C 29 -10.81 -28.89 -7.20
CA ARG C 29 -10.18 -27.82 -7.98
C ARG C 29 -10.55 -27.84 -9.45
N SER C 30 -11.11 -26.74 -9.96
CA SER C 30 -11.25 -26.54 -11.42
C SER C 30 -9.90 -26.74 -12.11
N GLY C 31 -9.88 -26.76 -13.44
CA GLY C 31 -8.61 -26.65 -14.18
C GLY C 31 -8.10 -25.21 -14.26
N VAL C 32 -6.96 -24.98 -14.89
CA VAL C 32 -6.57 -23.59 -15.13
C VAL C 32 -7.34 -23.01 -16.30
N GLY C 33 -7.84 -21.78 -16.08
CA GLY C 33 -8.59 -21.00 -17.06
C GLY C 33 -7.67 -20.33 -18.05
N PRO C 34 -8.18 -19.34 -18.77
CA PRO C 34 -7.36 -18.68 -19.80
C PRO C 34 -6.15 -17.92 -19.24
N PHE C 35 -5.20 -17.61 -20.13
CA PHE C 35 -4.08 -16.71 -19.85
C PHE C 35 -4.36 -15.34 -20.49
N SER C 36 -4.16 -14.28 -19.72
CA SER C 36 -4.35 -12.93 -20.24
C SER C 36 -3.01 -12.23 -20.39
N THR C 37 -2.63 -11.95 -21.64
CA THR C 37 -1.50 -11.09 -21.98
C THR C 37 -1.65 -9.71 -21.35
N LEU C 38 -2.89 -9.26 -21.23
CA LEU C 38 -3.24 -7.94 -20.72
C LEU C 38 -2.86 -7.81 -19.25
N LEU C 39 -3.22 -8.81 -18.46
CA LEU C 39 -2.79 -8.87 -17.07
C LEU C 39 -1.27 -8.98 -16.96
N GLY C 40 -0.68 -9.84 -17.81
CA GLY C 40 0.74 -10.15 -17.81
C GLY C 40 1.69 -8.97 -17.85
N TRP C 41 1.23 -7.80 -18.30
CA TRP C 41 2.08 -6.60 -18.28
C TRP C 41 2.19 -6.10 -16.85
N PHE C 42 1.18 -6.37 -16.06
CA PHE C 42 1.07 -5.82 -14.73
C PHE C 42 1.27 -6.87 -13.62
N GLY C 43 0.50 -7.96 -13.69
CA GLY C 43 0.53 -9.03 -12.69
C GLY C 43 0.77 -10.39 -13.34
N ASN C 44 0.19 -11.44 -12.77
CA ASN C 44 0.16 -12.76 -13.43
C ASN C 44 -0.84 -12.85 -14.58
N ALA C 45 -0.49 -13.69 -15.56
CA ALA C 45 -1.31 -13.95 -16.75
C ALA C 45 -2.32 -15.05 -16.47
N GLN C 46 -1.93 -16.00 -15.65
CA GLN C 46 -2.76 -17.18 -15.40
C GLN C 46 -4.03 -16.85 -14.64
N LEU C 47 -5.16 -17.27 -15.21
CA LEU C 47 -6.45 -17.35 -14.51
C LEU C 47 -6.66 -18.79 -14.08
N GLY C 48 -7.37 -19.01 -12.98
CA GLY C 48 -7.55 -20.35 -12.44
C GLY C 48 -6.31 -20.96 -11.81
N PRO C 49 -6.43 -22.11 -11.15
CA PRO C 49 -7.72 -22.73 -10.81
C PRO C 49 -8.38 -22.20 -9.53
N ILE C 50 -9.68 -22.47 -9.42
CA ILE C 50 -10.40 -22.19 -8.20
C ILE C 50 -10.80 -23.52 -7.53
N TYR C 51 -10.97 -23.47 -6.21
CA TYR C 51 -11.45 -24.60 -5.45
C TYR C 51 -12.95 -24.45 -5.23
N LEU C 52 -13.75 -25.27 -5.97
CA LEU C 52 -15.24 -25.46 -5.90
C LEU C 52 -15.73 -25.62 -4.43
N GLY C 53 -15.97 -26.85 -3.99
CA GLY C 53 -16.25 -27.15 -2.58
C GLY C 53 -17.71 -27.02 -2.17
N SER C 54 -18.07 -27.63 -1.04
CA SER C 54 -19.47 -27.59 -0.58
C SER C 54 -19.86 -26.23 -0.02
N LEU C 55 -19.06 -25.72 0.94
CA LEU C 55 -19.23 -24.38 1.49
C LEU C 55 -19.19 -23.34 0.37
N GLY C 56 -18.30 -23.56 -0.59
CA GLY C 56 -18.13 -22.69 -1.72
C GLY C 56 -19.43 -22.54 -2.48
N VAL C 57 -20.06 -23.68 -2.75
CA VAL C 57 -21.31 -23.72 -3.50
C VAL C 57 -22.48 -23.15 -2.68
N LEU C 58 -22.54 -23.47 -1.39
CA LEU C 58 -23.56 -22.88 -0.52
C LEU C 58 -23.49 -21.34 -0.51
N SER C 59 -22.25 -20.84 -0.43
CA SER C 59 -21.89 -19.41 -0.44
C SER C 59 -22.29 -18.68 -1.72
N LEU C 60 -21.79 -19.20 -2.82
CA LEU C 60 -22.06 -18.70 -4.15
C LEU C 60 -23.53 -18.80 -4.52
N PHE C 61 -24.20 -19.89 -4.11
CA PHE C 61 -25.66 -20.04 -4.35
C PHE C 61 -26.41 -18.96 -3.57
N SER C 62 -26.18 -18.92 -2.27
CA SER C 62 -26.86 -17.95 -1.46
C SER C 62 -26.59 -16.47 -1.87
N GLY C 63 -25.36 -16.21 -2.32
CA GLY C 63 -24.95 -14.90 -2.77
C GLY C 63 -25.76 -14.40 -3.94
N LEU C 64 -25.79 -15.19 -5.01
CA LEU C 64 -26.72 -14.94 -6.14
C LEU C 64 -28.17 -14.77 -5.70
N MET C 65 -28.64 -15.66 -4.82
CA MET C 65 -30.01 -15.59 -4.31
C MET C 65 -30.28 -14.14 -3.92
N TRP C 66 -29.39 -13.59 -3.08
CA TRP C 66 -29.41 -12.19 -2.61
C TRP C 66 -29.41 -11.22 -3.79
N PHE C 67 -28.38 -11.28 -4.59
CA PHE C 67 -28.29 -10.42 -5.74
C PHE C 67 -29.57 -10.47 -6.58
N PHE C 68 -30.19 -11.65 -6.68
CA PHE C 68 -31.41 -11.82 -7.49
C PHE C 68 -32.67 -11.31 -6.82
N THR C 69 -32.82 -11.56 -5.52
CA THR C 69 -33.93 -11.00 -4.74
C THR C 69 -34.06 -9.48 -4.88
N ILE C 70 -32.94 -8.77 -4.71
CA ILE C 70 -32.85 -7.32 -4.94
C ILE C 70 -33.21 -6.99 -6.39
N GLY C 71 -32.60 -7.67 -7.35
CA GLY C 71 -32.90 -7.49 -8.77
C GLY C 71 -34.34 -7.74 -9.19
N ILE C 72 -34.96 -8.77 -8.63
CA ILE C 72 -36.38 -9.09 -8.91
C ILE C 72 -37.26 -7.91 -8.46
N TRP C 73 -36.93 -7.31 -7.32
CA TRP C 73 -37.69 -6.18 -6.81
C TRP C 73 -37.51 -4.97 -7.70
N PHE C 74 -36.33 -4.83 -8.30
CA PHE C 74 -36.05 -3.65 -9.11
C PHE C 74 -36.89 -3.70 -10.38
N TRP C 75 -37.09 -4.91 -10.93
CA TRP C 75 -37.90 -5.09 -12.13
C TRP C 75 -39.37 -4.78 -11.82
N TYR C 76 -39.79 -5.10 -10.60
CA TYR C 76 -41.12 -4.77 -10.12
C TYR C 76 -41.30 -3.28 -9.90
N GLN C 77 -40.22 -2.58 -9.56
CA GLN C 77 -40.26 -1.12 -9.48
C GLN C 77 -40.19 -0.50 -10.86
N ALA C 78 -39.54 -1.19 -11.80
CA ALA C 78 -39.39 -0.73 -13.18
C ALA C 78 -40.66 -0.96 -14.02
N GLY C 79 -41.68 -1.51 -13.36
CA GLY C 79 -42.94 -1.88 -13.99
C GLY C 79 -42.77 -2.97 -15.04
N TRP C 80 -41.75 -3.81 -14.85
CA TRP C 80 -41.33 -4.87 -15.79
C TRP C 80 -40.83 -4.32 -17.15
N ASN C 81 -40.60 -3.01 -17.23
CA ASN C 81 -40.14 -2.39 -18.45
C ASN C 81 -38.60 -2.26 -18.48
N PRO C 82 -37.97 -2.96 -19.44
CA PRO C 82 -36.51 -2.89 -19.67
C PRO C 82 -35.89 -1.50 -19.78
N ALA C 83 -36.53 -0.56 -20.45
CA ALA C 83 -35.97 0.78 -20.55
C ALA C 83 -36.06 1.57 -19.23
N VAL C 84 -37.16 1.38 -18.50
CA VAL C 84 -37.34 2.05 -17.21
C VAL C 84 -36.29 1.53 -16.25
N PHE C 85 -36.08 0.22 -16.27
CA PHE C 85 -35.15 -0.48 -15.37
C PHE C 85 -33.73 0.06 -15.56
N LEU C 86 -33.32 0.15 -16.81
CA LEU C 86 -32.03 0.71 -17.19
C LEU C 86 -31.87 2.20 -16.85
N ARG C 87 -32.96 2.99 -16.99
CA ARG C 87 -32.93 4.42 -16.67
C ARG C 87 -32.85 4.76 -15.17
N ASP C 88 -33.56 3.99 -14.33
CA ASP C 88 -33.73 4.30 -12.92
C ASP C 88 -32.98 3.30 -12.01
N LEU C 89 -31.97 2.64 -12.59
CA LEU C 89 -31.23 1.56 -11.94
C LEU C 89 -30.63 1.97 -10.58
N PHE C 90 -29.98 3.12 -10.55
CA PHE C 90 -29.44 3.62 -9.29
C PHE C 90 -30.50 4.19 -8.35
N PHE C 91 -31.72 4.43 -8.86
CA PHE C 91 -32.77 5.03 -8.02
C PHE C 91 -33.63 4.00 -7.28
N PHE C 92 -33.62 2.77 -7.76
CA PHE C 92 -34.34 1.65 -7.15
C PHE C 92 -33.82 1.35 -5.75
N SER C 93 -34.67 0.79 -4.89
CA SER C 93 -34.27 0.58 -3.53
C SER C 93 -35.08 -0.47 -2.81
N LEU C 94 -34.42 -1.47 -2.26
CA LEU C 94 -35.12 -2.44 -1.44
C LEU C 94 -35.02 -2.04 0.04
N GLU C 95 -35.96 -1.21 0.51
CA GLU C 95 -35.93 -0.67 1.88
C GLU C 95 -36.42 -1.67 2.93
N PRO C 96 -35.86 -1.64 4.13
CA PRO C 96 -36.30 -2.52 5.24
C PRO C 96 -37.77 -2.30 5.67
N PRO C 97 -38.29 -3.07 6.64
CA PRO C 97 -39.63 -2.84 7.20
C PRO C 97 -39.80 -1.49 7.89
N ALA C 98 -41.01 -0.96 7.85
CA ALA C 98 -41.37 0.25 8.57
C ALA C 98 -41.18 0.05 10.09
N PRO C 99 -40.87 1.13 10.83
CA PRO C 99 -40.64 1.07 12.28
C PRO C 99 -41.62 0.18 13.08
N GLU C 100 -42.89 0.14 12.65
CA GLU C 100 -43.97 -0.44 13.45
C GLU C 100 -43.90 -1.94 13.55
N TYR C 101 -43.36 -2.60 12.52
CA TYR C 101 -43.19 -4.04 12.57
C TYR C 101 -42.11 -4.44 13.57
N GLY C 102 -41.41 -3.43 14.11
CA GLY C 102 -40.28 -3.62 15.01
C GLY C 102 -39.28 -4.66 14.52
N LEU C 103 -38.91 -5.56 15.42
CA LEU C 103 -38.00 -6.65 15.09
C LEU C 103 -38.65 -7.92 14.55
N SER C 104 -39.88 -7.83 14.03
CA SER C 104 -40.59 -9.05 13.65
C SER C 104 -40.49 -9.38 12.17
N PHE C 105 -40.67 -10.68 11.90
CA PHE C 105 -40.55 -11.29 10.58
C PHE C 105 -41.90 -11.39 9.88
N ALA C 106 -42.87 -10.62 10.34
CA ALA C 106 -44.24 -10.70 9.82
C ALA C 106 -44.59 -9.51 8.91
N ALA C 107 -43.59 -8.99 8.21
CA ALA C 107 -43.85 -7.89 7.27
C ALA C 107 -44.24 -8.47 5.93
N PRO C 108 -45.21 -7.85 5.26
CA PRO C 108 -45.57 -8.22 3.89
C PRO C 108 -44.38 -8.10 2.92
N LEU C 109 -44.24 -9.06 2.00
CA LEU C 109 -43.32 -8.93 0.87
C LEU C 109 -43.09 -7.49 0.38
N LYS C 110 -44.15 -6.79 -0.05
CA LYS C 110 -43.97 -5.43 -0.58
C LYS C 110 -43.72 -4.36 0.51
N GLU C 111 -43.59 -4.78 1.78
CA GLU C 111 -43.52 -3.87 2.91
C GLU C 111 -42.40 -4.14 3.93
N GLY C 112 -41.35 -4.83 3.49
CA GLY C 112 -40.17 -5.10 4.30
C GLY C 112 -39.86 -6.58 4.46
N GLY C 113 -40.69 -7.40 3.83
CA GLY C 113 -40.52 -8.84 3.92
C GLY C 113 -39.45 -9.32 2.96
N LEU C 114 -39.51 -8.88 1.70
CA LEU C 114 -38.45 -9.16 0.75
C LEU C 114 -37.03 -8.72 1.22
N TRP C 115 -36.96 -7.57 1.89
CA TRP C 115 -35.71 -7.09 2.45
C TRP C 115 -35.16 -8.14 3.45
N LEU C 116 -36.06 -8.77 4.21
CA LEU C 116 -35.64 -9.67 5.29
C LEU C 116 -35.16 -10.96 4.65
N ILE C 117 -35.89 -11.38 3.62
CA ILE C 117 -35.50 -12.54 2.80
C ILE C 117 -34.08 -12.37 2.26
N ALA C 118 -33.87 -11.26 1.50
CA ALA C 118 -32.57 -10.86 0.92
C ALA C 118 -31.45 -10.77 1.95
N SER C 119 -31.79 -10.25 3.14
CA SER C 119 -30.84 -10.17 4.22
C SER C 119 -30.45 -11.55 4.67
N PHE C 120 -31.43 -12.44 4.87
CA PHE C 120 -31.13 -13.82 5.25
C PHE C 120 -30.12 -14.44 4.24
N PHE C 121 -30.41 -14.31 2.95
CA PHE C 121 -29.49 -14.81 1.94
C PHE C 121 -28.10 -14.19 2.08
N MET C 122 -28.03 -12.87 2.22
CA MET C 122 -26.75 -12.17 2.42
C MET C 122 -25.99 -12.72 3.61
N PHE C 123 -26.71 -13.01 4.67
CA PHE C 123 -26.11 -13.43 5.92
C PHE C 123 -25.45 -14.79 5.74
N VAL C 124 -26.13 -15.76 5.14
CA VAL C 124 -25.45 -17.07 4.97
C VAL C 124 -24.31 -16.96 3.96
N ALA C 125 -24.48 -16.08 2.97
CA ALA C 125 -23.48 -15.86 1.91
C ALA C 125 -22.12 -15.41 2.44
N VAL C 126 -22.15 -14.48 3.40
CA VAL C 126 -20.93 -13.89 3.95
C VAL C 126 -20.31 -14.92 4.87
N TRP C 127 -21.06 -15.37 5.89
CA TRP C 127 -20.55 -16.32 6.90
C TRP C 127 -20.07 -17.65 6.32
N SER C 128 -20.75 -18.14 5.30
CA SER C 128 -20.27 -19.32 4.64
C SER C 128 -18.90 -19.00 3.99
N TRP C 129 -18.80 -17.88 3.28
CA TRP C 129 -17.49 -17.42 2.76
C TRP C 129 -16.44 -17.21 3.85
N TRP C 130 -16.85 -16.81 5.04
CA TRP C 130 -15.84 -16.55 6.05
C TRP C 130 -15.19 -17.89 6.41
N GLY C 131 -16.03 -18.90 6.64
CA GLY C 131 -15.61 -20.25 6.97
C GLY C 131 -14.70 -20.78 5.90
N ARG C 132 -14.95 -20.39 4.65
CA ARG C 132 -14.04 -20.71 3.56
C ARG C 132 -12.60 -20.23 3.79
N THR C 133 -12.43 -18.92 3.98
CA THR C 133 -11.09 -18.32 4.18
C THR C 133 -10.31 -18.99 5.31
N TYR C 134 -11.04 -19.59 6.24
CA TYR C 134 -10.42 -20.38 7.31
C TYR C 134 -9.98 -21.76 6.81
N LEU C 135 -10.90 -22.43 6.12
CA LEU C 135 -10.68 -23.78 5.61
C LEU C 135 -9.60 -23.83 4.55
N ARG C 136 -9.70 -23.03 3.49
CA ARG C 136 -8.63 -23.01 2.50
C ARG C 136 -7.29 -22.71 3.17
N ALA C 137 -7.31 -21.95 4.27
CA ALA C 137 -6.09 -21.69 5.02
C ALA C 137 -5.59 -22.99 5.66
N GLN C 138 -6.51 -23.66 6.39
CA GLN C 138 -6.27 -24.89 7.15
C GLN C 138 -5.72 -26.03 6.28
N ALA C 139 -6.29 -26.22 5.10
CA ALA C 139 -5.84 -27.28 4.20
C ALA C 139 -4.38 -27.13 3.79
N LEU C 140 -3.87 -25.90 3.77
CA LEU C 140 -2.50 -25.68 3.31
C LEU C 140 -1.58 -25.52 4.51
N GLY C 141 -2.13 -25.66 5.70
CA GLY C 141 -1.35 -25.64 6.93
C GLY C 141 -0.91 -24.25 7.34
N MET C 142 -1.68 -23.25 6.87
CA MET C 142 -1.35 -21.82 7.02
C MET C 142 -1.88 -21.15 8.28
N GLY C 143 -1.39 -19.96 8.58
CA GLY C 143 -1.94 -19.20 9.69
C GLY C 143 -3.35 -18.75 9.38
N LYS C 144 -4.02 -18.20 10.36
CA LYS C 144 -5.42 -17.87 10.20
C LYS C 144 -5.65 -16.37 10.00
N HIS C 145 -4.58 -15.61 9.81
CA HIS C 145 -4.64 -14.15 9.60
C HIS C 145 -5.73 -13.64 8.65
N THR C 146 -5.95 -14.29 7.52
CA THR C 146 -6.99 -13.85 6.60
C THR C 146 -8.39 -13.90 7.23
N ALA C 147 -8.81 -15.05 7.72
CA ALA C 147 -10.08 -15.16 8.40
C ALA C 147 -10.17 -14.14 9.55
N TRP C 148 -9.05 -13.96 10.25
CA TRP C 148 -8.96 -12.98 11.32
C TRP C 148 -9.26 -11.54 10.80
N ALA C 149 -8.48 -11.03 9.84
CA ALA C 149 -8.75 -9.73 9.22
C ALA C 149 -10.20 -9.60 8.66
N PHE C 150 -10.58 -10.48 7.75
CA PHE C 150 -11.95 -10.55 7.27
C PHE C 150 -13.00 -10.33 8.38
N LEU C 151 -12.81 -10.96 9.55
CA LEU C 151 -13.73 -10.79 10.67
C LEU C 151 -13.99 -9.33 11.03
N SER C 152 -12.97 -8.47 10.89
CA SER C 152 -13.09 -7.04 11.18
C SER C 152 -14.01 -6.32 10.17
N ALA C 153 -13.90 -6.69 8.90
CA ALA C 153 -14.85 -6.21 7.93
C ALA C 153 -16.28 -6.70 8.31
N ILE C 154 -16.41 -7.97 8.67
CA ILE C 154 -17.70 -8.56 8.95
C ILE C 154 -18.31 -7.86 10.16
N TRP C 155 -17.49 -7.49 11.12
CA TRP C 155 -17.91 -6.69 12.26
C TRP C 155 -18.62 -5.39 11.83
N LEU C 156 -18.00 -4.50 11.06
CA LEU C 156 -18.72 -3.30 10.65
C LEU C 156 -20.09 -3.66 10.05
N TRP C 157 -20.06 -4.52 9.03
CA TRP C 157 -21.27 -4.93 8.30
C TRP C 157 -22.37 -5.51 9.20
N MET C 158 -21.99 -6.30 10.19
CA MET C 158 -22.95 -6.90 11.11
C MET C 158 -23.60 -5.80 11.92
N VAL C 159 -22.79 -4.85 12.41
CA VAL C 159 -23.27 -3.74 13.25
C VAL C 159 -24.32 -2.91 12.48
N LEU C 160 -24.00 -2.61 11.22
CA LEU C 160 -24.93 -1.85 10.36
C LEU C 160 -26.29 -2.54 10.11
N GLY C 161 -26.21 -3.82 9.76
CA GLY C 161 -27.35 -4.50 9.20
C GLY C 161 -28.07 -5.37 10.19
N PHE C 162 -27.45 -5.63 11.33
CA PHE C 162 -27.98 -6.65 12.20
C PHE C 162 -27.94 -6.20 13.66
N ILE C 163 -26.75 -5.93 14.20
CA ILE C 163 -26.61 -5.78 15.65
C ILE C 163 -27.21 -4.49 16.18
N ARG C 164 -26.94 -3.40 15.49
CA ARG C 164 -27.51 -2.13 15.88
C ARG C 164 -29.03 -2.16 15.71
N PRO C 165 -29.56 -2.59 14.54
CA PRO C 165 -31.01 -2.65 14.36
C PRO C 165 -31.68 -3.43 15.48
N ILE C 166 -31.09 -4.54 15.92
CA ILE C 166 -31.67 -5.31 17.01
C ILE C 166 -31.62 -4.52 18.33
N LEU C 167 -30.56 -3.74 18.53
CA LEU C 167 -30.39 -2.96 19.76
C LEU C 167 -31.29 -1.72 19.74
N MET C 168 -31.52 -1.12 18.57
CA MET C 168 -32.52 -0.07 18.42
C MET C 168 -33.91 -0.70 18.57
N GLY C 169 -33.98 -2.01 18.37
CA GLY C 169 -35.24 -2.71 18.41
C GLY C 169 -36.09 -2.56 17.16
N SER C 170 -35.51 -2.26 16.01
CA SER C 170 -36.30 -2.35 14.79
C SER C 170 -35.49 -2.48 13.49
N TRP C 171 -36.01 -3.19 12.51
CA TRP C 171 -35.25 -3.39 11.30
C TRP C 171 -35.22 -2.14 10.43
N SER C 172 -35.98 -1.11 10.79
CA SER C 172 -36.06 0.11 9.97
C SER C 172 -34.76 0.90 10.05
N GLU C 173 -33.95 0.56 11.03
CA GLU C 173 -32.67 1.20 11.21
C GLU C 173 -31.61 0.72 10.24
N ALA C 174 -31.82 -0.47 9.69
CA ALA C 174 -30.83 -1.09 8.80
C ALA C 174 -30.72 -0.36 7.47
N VAL C 175 -29.89 -0.89 6.58
CA VAL C 175 -29.47 -0.12 5.42
C VAL C 175 -30.22 -0.68 4.25
N PRO C 176 -30.77 0.16 3.39
CA PRO C 176 -31.54 -0.32 2.24
C PRO C 176 -30.60 -0.83 1.11
N TYR C 177 -31.08 -1.64 0.17
CA TYR C 177 -30.22 -2.10 -0.90
C TYR C 177 -30.49 -1.28 -2.13
N GLY C 178 -29.62 -0.30 -2.33
CA GLY C 178 -29.74 0.57 -3.49
C GLY C 178 -28.44 1.31 -3.58
N ILE C 179 -28.04 1.69 -4.78
CA ILE C 179 -26.87 2.49 -5.00
C ILE C 179 -27.06 3.84 -4.29
N PHE C 180 -27.88 4.75 -4.84
CA PHE C 180 -28.08 6.07 -4.23
C PHE C 180 -28.81 6.01 -2.85
N SER C 181 -29.68 5.03 -2.67
CA SER C 181 -30.46 4.98 -1.45
C SER C 181 -29.54 4.73 -0.28
N HIS C 182 -28.52 3.87 -0.48
CA HIS C 182 -27.51 3.58 0.53
C HIS C 182 -26.65 4.81 0.82
N LEU C 183 -26.50 5.70 -0.17
CA LEU C 183 -25.76 6.94 0.09
C LEU C 183 -26.56 7.94 0.90
N ASP C 184 -27.85 8.07 0.61
CA ASP C 184 -28.75 8.93 1.38
C ASP C 184 -28.88 8.45 2.82
N TRP C 185 -28.98 7.14 3.01
CA TRP C 185 -29.02 6.53 4.34
C TRP C 185 -27.80 7.00 5.09
N THR C 186 -26.68 7.08 4.38
CA THR C 186 -25.43 7.34 5.05
C THR C 186 -25.43 8.77 5.55
N ASN C 187 -25.77 9.70 4.66
CA ASN C 187 -25.82 11.11 4.99
C ASN C 187 -26.79 11.36 6.15
N ASN C 188 -27.96 10.76 6.03
CA ASN C 188 -29.01 10.85 7.02
C ASN C 188 -28.62 10.35 8.36
N PHE C 189 -27.89 9.24 8.36
CA PHE C 189 -27.37 8.72 9.58
C PHE C 189 -26.59 9.82 10.30
N SER C 190 -25.70 10.50 9.60
CA SER C 190 -24.90 11.53 10.25
C SER C 190 -25.78 12.63 10.80
N LEU C 191 -26.63 13.17 9.92
CA LEU C 191 -27.56 14.23 10.28
C LEU C 191 -28.35 13.84 11.52
N VAL C 192 -28.91 12.65 11.53
CA VAL C 192 -29.83 12.29 12.58
C VAL C 192 -29.10 11.91 13.90
N HIS C 193 -27.87 12.37 14.10
CA HIS C 193 -27.05 11.83 15.21
C HIS C 193 -26.03 12.89 15.62
N GLY C 194 -26.28 14.12 15.20
CA GLY C 194 -25.48 15.26 15.59
C GLY C 194 -24.22 15.50 14.78
N ASN C 195 -24.06 14.80 13.65
CA ASN C 195 -22.86 14.91 12.80
C ASN C 195 -21.71 13.96 13.23
N LEU C 196 -21.33 13.02 12.35
CA LEU C 196 -20.34 12.02 12.76
C LEU C 196 -18.91 12.56 12.92
N PHE C 197 -18.67 13.83 12.58
CA PHE C 197 -17.39 14.43 12.92
C PHE C 197 -17.21 14.64 14.44
N TYR C 198 -18.26 14.45 15.23
CA TYR C 198 -18.10 14.58 16.68
C TYR C 198 -17.99 13.22 17.36
N ASN C 199 -18.13 12.15 16.59
CA ASN C 199 -17.90 10.79 17.07
C ASN C 199 -16.38 10.48 16.99
N PRO C 200 -15.71 10.38 18.14
CA PRO C 200 -14.26 10.14 18.19
C PRO C 200 -13.82 8.89 17.41
N PHE C 201 -14.69 7.89 17.35
CA PHE C 201 -14.40 6.69 16.57
C PHE C 201 -14.48 6.92 15.07
N HIS C 202 -15.22 7.93 14.61
CA HIS C 202 -15.32 8.19 13.17
C HIS C 202 -13.95 8.75 12.70
N GLY C 203 -13.38 9.63 13.52
CA GLY C 203 -12.13 10.28 13.17
C GLY C 203 -10.96 9.35 13.36
N LEU C 204 -11.07 8.35 14.25
CA LEU C 204 -10.04 7.32 14.37
C LEU C 204 -10.00 6.47 13.10
N SER C 205 -11.19 6.02 12.73
CA SER C 205 -11.44 5.28 11.52
C SER C 205 -10.92 6.03 10.27
N ILE C 206 -11.06 7.37 10.24
CA ILE C 206 -10.59 8.14 9.09
C ILE C 206 -9.08 8.09 9.10
N ALA C 207 -8.53 8.31 10.30
CA ALA C 207 -7.11 8.31 10.45
C ALA C 207 -6.55 7.01 9.84
N PHE C 208 -7.15 5.87 10.19
CA PHE C 208 -6.69 4.56 9.69
C PHE C 208 -6.93 4.31 8.20
N LEU C 209 -8.08 4.80 7.68
CA LEU C 209 -8.41 4.72 6.26
C LEU C 209 -7.39 5.52 5.46
N TYR C 210 -7.17 6.77 5.86
CA TYR C 210 -6.09 7.59 5.29
C TYR C 210 -4.73 6.89 5.49
N GLY C 211 -4.54 6.34 6.68
CA GLY C 211 -3.30 5.69 7.05
C GLY C 211 -3.01 4.43 6.26
N SER C 212 -4.07 3.76 5.79
CA SER C 212 -3.87 2.59 4.96
C SER C 212 -3.38 2.97 3.56
N ALA C 213 -3.87 4.08 3.03
CA ALA C 213 -3.34 4.59 1.77
C ALA C 213 -1.92 5.15 1.98
N LEU C 214 -1.64 5.75 3.15
CA LEU C 214 -0.30 6.25 3.38
C LEU C 214 0.62 5.04 3.36
N LEU C 215 0.27 4.06 4.21
CA LEU C 215 1.05 2.83 4.41
C LEU C 215 1.24 1.99 3.16
N PHE C 216 0.19 1.77 2.37
CA PHE C 216 0.32 0.97 1.15
C PHE C 216 1.15 1.64 0.08
N ALA C 217 1.11 2.97 0.02
CA ALA C 217 1.93 3.70 -0.97
C ALA C 217 3.38 3.59 -0.52
N MET C 218 3.58 3.68 0.79
CA MET C 218 4.91 3.51 1.33
C MET C 218 5.42 2.08 1.00
N HIS C 219 4.67 1.04 1.38
CA HIS C 219 5.11 -0.33 1.15
C HIS C 219 5.25 -0.59 -0.34
N GLY C 220 4.25 -0.24 -1.13
CA GLY C 220 4.28 -0.58 -2.53
C GLY C 220 5.49 -0.02 -3.23
N ALA C 221 5.75 1.26 -3.01
CA ALA C 221 6.87 1.97 -3.64
C ALA C 221 8.23 1.49 -3.14
N THR C 222 8.29 1.17 -1.85
CA THR C 222 9.51 0.73 -1.24
C THR C 222 9.89 -0.56 -1.92
N ILE C 223 8.97 -1.55 -1.94
CA ILE C 223 9.27 -2.84 -2.61
C ILE C 223 9.68 -2.69 -4.10
N LEU C 224 8.94 -1.87 -4.83
CA LEU C 224 9.32 -1.60 -6.20
C LEU C 224 10.72 -0.94 -6.28
N ALA C 225 11.12 -0.20 -5.25
CA ALA C 225 12.40 0.50 -5.32
C ALA C 225 13.55 -0.44 -5.13
N VAL C 226 13.36 -1.45 -4.29
CA VAL C 226 14.40 -2.45 -3.99
C VAL C 226 14.16 -3.80 -4.72
N SER C 227 13.30 -3.80 -5.74
CA SER C 227 13.08 -5.05 -6.43
C SER C 227 14.24 -5.40 -7.39
N ARG C 228 15.16 -4.46 -7.63
CA ARG C 228 16.41 -4.74 -8.37
C ARG C 228 17.31 -5.65 -7.52
N PHE C 229 16.86 -5.94 -6.31
CA PHE C 229 17.54 -6.90 -5.50
C PHE C 229 16.57 -8.00 -5.12
N GLY C 230 15.49 -8.16 -5.85
CA GLY C 230 14.49 -9.16 -5.48
C GLY C 230 13.81 -9.00 -4.12
N GLY C 231 13.48 -7.76 -3.74
CA GLY C 231 12.84 -7.47 -2.46
C GLY C 231 11.39 -7.90 -2.37
N GLU C 232 10.75 -7.99 -3.53
CA GLU C 232 9.40 -8.53 -3.59
C GLU C 232 9.38 -10.04 -3.29
N ARG C 233 10.50 -10.62 -2.90
CA ARG C 233 10.48 -12.01 -2.48
C ARG C 233 10.35 -12.08 -0.97
N GLU C 234 9.34 -11.41 -0.45
CA GLU C 234 9.31 -11.07 0.98
C GLU C 234 9.46 -12.23 1.96
N LEU C 235 8.99 -13.44 1.62
CA LEU C 235 9.13 -14.55 2.56
C LEU C 235 10.57 -15.03 2.62
N GLU C 236 11.29 -14.94 1.52
CA GLU C 236 12.68 -15.38 1.53
C GLU C 236 13.57 -14.37 2.21
N GLN C 237 13.17 -13.09 2.16
CA GLN C 237 13.89 -12.02 2.87
C GLN C 237 13.67 -12.07 4.38
N ILE C 238 12.55 -12.66 4.80
CA ILE C 238 12.29 -12.88 6.23
C ILE C 238 13.22 -13.98 6.79
N ALA C 239 13.24 -15.13 6.12
CA ALA C 239 14.03 -16.30 6.57
C ALA C 239 15.55 -16.12 6.41
N ASP C 240 15.95 -15.31 5.42
CA ASP C 240 17.36 -15.09 5.11
C ASP C 240 17.58 -13.72 4.47
N ARG C 241 17.67 -12.71 5.34
CA ARG C 241 17.75 -11.30 4.95
C ARG C 241 18.75 -11.00 3.85
N GLY C 242 18.34 -10.23 2.85
CA GLY C 242 19.27 -9.77 1.83
C GLY C 242 19.39 -8.25 1.78
N THR C 243 20.12 -7.71 0.82
CA THR C 243 20.46 -6.29 0.77
C THR C 243 19.25 -5.45 0.41
N ALA C 244 18.25 -6.09 -0.21
CA ALA C 244 16.99 -5.42 -0.50
C ALA C 244 16.26 -5.12 0.82
N ALA C 245 16.17 -6.09 1.73
CA ALA C 245 15.54 -5.81 3.03
C ALA C 245 16.31 -4.77 3.83
N GLU C 246 17.60 -4.62 3.50
CA GLU C 246 18.51 -3.75 4.23
C GLU C 246 18.44 -2.32 3.74
N ARG C 247 18.63 -2.11 2.44
CA ARG C 247 18.48 -0.78 1.88
C ARG C 247 17.07 -0.25 2.14
N ALA C 248 16.07 -1.14 2.18
CA ALA C 248 14.67 -0.75 2.42
C ALA C 248 14.53 -0.09 3.77
N ALA C 249 14.99 -0.77 4.81
CA ALA C 249 14.88 -0.24 6.15
C ALA C 249 15.76 0.96 6.30
N LEU C 250 16.92 0.95 5.67
CA LEU C 250 17.79 2.11 5.82
C LEU C 250 17.19 3.35 5.17
N PHE C 251 16.45 3.19 4.08
CA PHE C 251 15.75 4.34 3.54
C PHE C 251 14.87 5.01 4.61
N TRP C 252 14.06 4.21 5.27
CA TRP C 252 13.06 4.77 6.17
C TRP C 252 13.72 5.35 7.39
N ARG C 253 14.77 4.66 7.83
CA ARG C 253 15.51 5.03 9.01
C ARG C 253 16.15 6.38 8.78
N TRP C 254 16.82 6.54 7.64
CA TRP C 254 17.53 7.78 7.42
C TRP C 254 16.56 8.92 7.16
N THR C 255 15.37 8.57 6.64
CA THR C 255 14.35 9.53 6.32
C THR C 255 13.64 10.00 7.57
N MET C 256 13.11 9.07 8.37
CA MET C 256 12.20 9.38 9.47
C MET C 256 12.58 8.84 10.87
N GLY C 257 13.71 8.14 10.97
CA GLY C 257 14.31 7.93 12.26
C GLY C 257 14.05 6.57 12.84
N PHE C 258 13.11 5.84 12.24
CA PHE C 258 12.96 4.39 12.54
C PHE C 258 12.60 3.65 11.25
N ASN C 259 12.41 2.34 11.39
CA ASN C 259 12.22 1.47 10.26
C ASN C 259 11.54 0.20 10.76
N ALA C 260 11.16 -0.68 9.84
CA ALA C 260 10.49 -1.96 10.15
C ALA C 260 11.39 -3.12 9.70
N THR C 261 10.88 -4.35 9.77
CA THR C 261 11.54 -5.50 9.16
C THR C 261 10.56 -6.08 8.17
N MET C 262 11.05 -6.90 7.25
CA MET C 262 10.19 -7.50 6.22
C MET C 262 8.97 -8.17 6.85
N GLU C 263 9.13 -8.78 8.02
CA GLU C 263 7.96 -9.43 8.61
C GLU C 263 7.04 -8.46 9.29
N GLY C 264 7.63 -7.55 10.06
CA GLY C 264 6.91 -6.58 10.86
C GLY C 264 6.23 -5.52 10.03
N ILE C 265 6.70 -5.27 8.80
CA ILE C 265 5.96 -4.31 7.96
C ILE C 265 4.53 -4.84 7.71
N HIS C 266 4.45 -6.15 7.47
CA HIS C 266 3.21 -6.84 7.21
C HIS C 266 2.35 -6.91 8.49
N ARG C 267 2.94 -6.69 9.64
CA ARG C 267 2.18 -6.57 10.88
C ARG C 267 1.56 -5.17 11.02
N TRP C 268 2.36 -4.13 10.81
CA TRP C 268 1.78 -2.79 10.67
C TRP C 268 0.55 -2.79 9.71
N ALA C 269 0.73 -3.38 8.52
CA ALA C 269 -0.29 -3.38 7.48
C ALA C 269 -1.63 -3.97 7.94
N ILE C 270 -1.64 -5.22 8.38
CA ILE C 270 -2.87 -5.84 8.83
C ILE C 270 -3.57 -4.95 9.84
N TRP C 271 -2.84 -4.43 10.81
CA TRP C 271 -3.51 -3.60 11.82
C TRP C 271 -3.98 -2.22 11.26
N MET C 272 -3.16 -1.56 10.44
CA MET C 272 -3.60 -0.36 9.82
C MET C 272 -4.99 -0.53 9.17
N ALA C 273 -5.15 -1.60 8.41
CA ALA C 273 -6.40 -1.88 7.74
C ALA C 273 -7.53 -2.37 8.68
N VAL C 274 -7.23 -3.36 9.55
CA VAL C 274 -8.32 -3.90 10.36
C VAL C 274 -8.84 -2.89 11.32
N LEU C 275 -7.99 -1.95 11.77
CA LEU C 275 -8.47 -0.84 12.64
C LEU C 275 -9.59 0.08 12.01
N VAL C 276 -9.55 0.27 10.69
CA VAL C 276 -10.61 1.01 9.99
C VAL C 276 -12.03 0.58 10.45
N THR C 277 -12.34 -0.70 10.24
CA THR C 277 -13.69 -1.19 10.48
C THR C 277 -13.85 -1.54 11.94
N LEU C 278 -12.75 -1.72 12.66
CA LEU C 278 -12.86 -2.09 14.06
C LEU C 278 -13.39 -0.92 14.86
N THR C 279 -12.70 0.23 14.73
CA THR C 279 -13.09 1.52 15.36
C THR C 279 -14.38 2.05 14.76
N GLY C 280 -14.59 1.78 13.48
CA GLY C 280 -15.79 2.23 12.78
C GLY C 280 -17.05 1.50 13.23
N GLY C 281 -16.94 0.19 13.41
CA GLY C 281 -18.01 -0.63 13.93
C GLY C 281 -18.44 -0.23 15.33
N ILE C 282 -17.47 0.10 16.18
CA ILE C 282 -17.79 0.59 17.53
C ILE C 282 -18.47 1.97 17.41
N GLY C 283 -17.99 2.78 16.47
CA GLY C 283 -18.51 4.11 16.29
C GLY C 283 -20.00 4.01 16.08
N ILE C 284 -20.41 3.17 15.14
CA ILE C 284 -21.77 3.08 14.68
C ILE C 284 -22.63 2.37 15.72
N LEU C 285 -22.06 1.37 16.39
CA LEU C 285 -22.78 0.61 17.41
C LEU C 285 -23.26 1.50 18.54
N LEU C 286 -22.40 2.39 19.02
CA LEU C 286 -22.77 3.33 20.08
C LEU C 286 -23.83 4.37 19.65
N SER C 287 -23.86 4.68 18.35
CA SER C 287 -24.68 5.76 17.88
C SER C 287 -26.18 5.40 18.04
N GLY C 288 -26.84 6.06 18.98
CA GLY C 288 -28.28 5.89 19.13
C GLY C 288 -28.66 4.81 20.14
N THR C 289 -27.76 3.87 20.33
CA THR C 289 -27.95 2.92 21.40
C THR C 289 -27.42 3.56 22.68
N VAL C 290 -26.26 4.19 22.61
CA VAL C 290 -25.73 4.91 23.76
C VAL C 290 -25.67 6.46 23.62
N VAL C 291 -25.52 7.00 22.41
CA VAL C 291 -25.40 8.45 22.20
C VAL C 291 -26.34 8.88 21.07
N ASP C 292 -27.32 9.75 21.33
CA ASP C 292 -28.25 10.22 20.27
C ASP C 292 -27.58 11.25 19.43
N ASN C 293 -26.61 11.91 20.04
CA ASN C 293 -26.08 13.13 19.49
C ASN C 293 -24.62 13.31 19.91
N TRP C 294 -23.72 13.28 18.91
CA TRP C 294 -22.29 13.22 19.15
C TRP C 294 -21.72 14.58 19.52
N TYR C 295 -22.24 15.62 18.88
CA TYR C 295 -21.94 16.99 19.27
C TYR C 295 -22.28 17.21 20.73
N VAL C 296 -23.51 16.88 21.13
CA VAL C 296 -23.92 17.04 22.53
C VAL C 296 -22.99 16.28 23.48
N TRP C 297 -22.87 14.97 23.25
CA TRP C 297 -21.89 14.14 23.94
C TRP C 297 -20.53 14.81 23.92
N GLY C 298 -20.08 15.20 22.73
CA GLY C 298 -18.84 15.94 22.59
C GLY C 298 -18.70 17.06 23.61
N GLN C 299 -19.75 17.87 23.72
CA GLN C 299 -19.78 19.05 24.56
C GLN C 299 -19.73 18.78 26.06
N ASN C 300 -19.68 17.53 26.50
CA ASN C 300 -19.45 17.26 27.92
C ASN C 300 -18.43 16.15 28.17
N HIS C 301 -18.21 15.28 27.18
CA HIS C 301 -17.78 13.86 27.39
C HIS C 301 -18.50 13.16 28.62
N GLY C 302 -19.83 13.06 28.54
CA GLY C 302 -20.61 12.44 29.61
C GLY C 302 -22.04 12.03 29.28
N MET C 303 -22.44 11.72 28.13
C1 GOL D . 5.00 -16.10 15.97
O1 GOL D . 3.95 -17.07 15.87
C2 GOL D . 4.94 -15.17 17.22
O2 GOL D . 5.21 -15.94 18.36
C3 GOL D . 5.97 -14.02 17.15
O3 GOL D . 5.56 -12.89 16.38
C1 GOL E . 7.35 -18.63 14.55
O1 GOL E . 7.09 -18.81 15.92
C2 GOL E . 6.54 -19.59 13.69
O2 GOL E . 7.02 -19.60 12.35
C3 GOL E . 5.08 -19.16 13.77
O3 GOL E . 4.25 -20.30 13.74
C1 GOL F . -5.59 10.37 23.54
O1 GOL F . -6.30 11.44 24.14
C2 GOL F . -4.33 10.87 22.83
O2 GOL F . -4.63 11.79 21.80
C3 GOL F . -3.36 11.48 23.85
O3 GOL F . -3.10 10.53 24.86
MG BCL G . -7.36 16.33 7.80
CHA BCL G . -8.51 14.20 10.23
CHB BCL G . -4.28 16.26 9.34
CHC BCL G . -6.18 18.23 5.39
CHD BCL G . -10.33 16.08 6.20
NA BCL G . -6.58 15.47 9.49
C1A BCL G . -7.13 14.42 10.23
C2A BCL G . -6.25 14.07 11.43
C3A BCL G . -5.13 15.08 11.33
C4A BCL G . -5.39 15.88 10.08
CMA BCL G . -5.26 16.07 12.47
CAA BCL G . -5.64 12.66 11.29
CBA BCL G . -5.06 12.44 9.90
CGA BCL G . -4.37 11.11 9.64
O1A BCL G . -4.23 10.12 10.63
O2A BCL G . -3.91 10.89 8.49
NB BCL G . -5.50 17.02 7.33
C1B BCL G . -4.37 16.99 8.14
C2B BCL G . -3.36 17.60 7.40
C3B BCL G . -3.85 17.94 6.15
C4B BCL G . -5.17 17.55 6.11
CMB BCL G . -2.01 17.72 8.03
CAB BCL G . -3.05 18.64 5.09
OBB BCL G . -1.95 19.22 5.40
CBB BCL G . -3.63 18.66 3.71
NC BCL G . -8.09 16.98 6.00
C1C BCL G . -7.31 17.52 5.04
C2C BCL G . -8.12 17.81 3.82
C3C BCL G . -9.28 16.83 3.98
C4C BCL G . -9.14 16.38 5.42
CMC BCL G . -8.66 19.23 3.87
CAC BCL G . -9.15 15.60 3.08
CBC BCL G . -7.88 14.82 3.40
ND BCL G . -9.03 15.15 8.00
C1D BCL G . -10.19 15.18 7.23
C2D BCL G . -11.19 14.56 8.04
C3D BCL G . -10.55 14.15 9.21
C4D BCL G . -9.25 14.51 9.14
CMD BCL G . -12.63 14.28 7.82
CAD BCL G . -10.77 13.51 10.43
OBD BCL G . -11.98 12.96 10.92
CBD BCL G . -9.43 13.46 11.19
CGD BCL G . -9.55 14.06 12.56
O1D BCL G . -9.89 13.33 13.52
O2D BCL G . -9.33 15.28 12.81
CED BCL G . -9.97 15.92 13.90
C1 BCL G . -3.19 9.70 8.13
C2 BCL G . -1.69 9.82 8.33
C3 BCL G . -1.00 9.22 9.40
C4 BCL G . -1.56 8.05 10.16
C5 BCL G . 0.37 9.76 9.77
C6 BCL G . 0.29 10.81 10.88
C7 BCL G . -0.23 12.17 10.40
C8 BCL G . -0.68 13.12 11.52
C9 BCL G . -0.78 12.49 12.92
C10 BCL G . 0.27 14.29 11.56
C11 BCL G . -0.56 15.55 11.58
C12 BCL G . -0.53 16.27 12.93
C13 BCL G . -1.13 17.67 12.81
C14 BCL G . -1.35 18.21 14.20
C15 BCL G . -0.26 18.57 11.92
C16 BCL G . 0.10 19.93 12.50
C17 BCL G . 1.51 20.36 12.10
C18 BCL G . 2.49 20.37 13.29
C19 BCL G . 2.90 18.98 13.78
C20 BCL G . 3.74 21.25 13.04
O1D BPH H . 8.28 10.54 4.88
CGD BPH H . 6.94 10.23 4.54
O2D BPH H . 6.28 9.35 5.15
CED BPH H . 6.78 8.58 6.23
CBD BPH H . 6.29 10.96 3.41
CHA BPH H . 4.81 11.07 3.68
C4D BPH H . 4.15 10.22 2.81
C3D BPH H . 5.04 9.60 1.96
CAD BPH H . 6.33 10.11 2.14
OBD BPH H . 7.48 9.37 1.80
C2D BPH H . 4.24 9.13 0.80
CMD BPH H . 4.70 7.84 0.14
C1D BPH H . 2.93 9.49 1.18
ND BPH H . 2.86 10.20 2.38
CHD BPH H . 1.67 9.18 0.42
C4C BPH H . 0.32 9.47 0.91
C3C BPH H . -0.95 8.90 0.39
CAC BPH H . -0.95 8.57 -1.10
CBC BPH H . -0.29 9.61 -2.02
C2C BPH H . -1.98 9.96 0.82
CMC BPH H . -3.23 9.28 1.40
C1C BPH H . -1.22 10.52 1.98
NC BPH H . 0.08 10.37 1.89
CHC BPH H . -1.85 10.99 3.20
C4B BPH H . -1.28 11.97 4.16
C3B BPH H . -2.06 12.63 5.08
CAB BPH H . -3.54 12.50 5.16
CBB BPH H . -4.23 11.50 4.28
OBB BPH H . -4.22 13.36 6.05
C2B BPH H . -1.26 13.03 6.13
CMB BPH H . -1.66 13.71 7.40
C1B BPH H . -0.01 12.55 5.74
NB BPH H . 0.02 11.87 4.56
CHB BPH H . 1.26 12.72 6.50
C4A BPH H . 2.61 12.56 5.96
C3A BPH H . 3.84 12.71 6.82
CMA BPH H . 3.82 11.66 7.94
C2A BPH H . 4.97 12.48 5.84
C1A BPH H . 4.22 11.89 4.68
NA BPH H . 2.90 12.20 4.72
CAA BPH H . 5.49 13.83 5.39
CBA BPH H . 6.17 14.51 6.55
CGA BPH H . 6.92 15.71 6.02
O1A BPH H . 6.63 16.19 4.72
O2A BPH H . 7.81 16.29 6.73
C1 BPH H . 8.39 17.52 6.31
C2 BPH H . 7.46 18.67 6.62
C3 BPH H . 7.20 19.05 8.02
C4 BPH H . 8.08 18.46 9.14
C5 BPH H . 6.05 20.00 8.32
C6 BPH H . 6.48 21.44 8.08
C7 BPH H . 5.72 22.42 8.98
C8 BPH H . 4.72 23.27 8.20
C9 BPH H . 5.36 24.53 7.68
C10 BPH H . 3.54 23.63 9.09
C11 BPH H . 2.35 22.73 8.74
C12 BPH H . 1.19 23.51 8.12
C13 BPH H . 0.03 22.59 7.83
C14 BPH H . -0.59 22.92 6.47
C15 BPH H . -0.90 22.63 9.05
C16 BPH H . -2.30 22.05 8.83
C17 BPH H . -2.88 21.50 10.14
C18 BPH H . -3.99 20.46 9.92
C19 BPH H . -4.79 20.29 11.19
C20 BPH H . -4.90 20.64 8.71
C1 UQ2 I . -4.62 -10.65 -5.60
C1 UQ2 I . 0.79 -12.98 -3.88
C2 UQ2 I . -3.75 -10.97 -4.53
C2 UQ2 I . 1.91 -13.09 -3.01
C3 UQ2 I . -3.91 -10.31 -3.29
C3 UQ2 I . 1.98 -12.30 -1.84
C4 UQ2 I . -4.92 -9.35 -3.12
C4 UQ2 I . 0.90 -11.45 -1.52
C5 UQ2 I . -5.79 -9.07 -4.18
C5 UQ2 I . -0.19 -11.34 -2.37
C6 UQ2 I . -5.65 -9.69 -5.45
C6 UQ2 I . -0.28 -12.11 -3.55
CM2 UQ2 I . -1.98 -12.51 -4.76
CM2 UQ2 I . 2.72 -15.22 -3.67
CM3 UQ2 I . -3.24 -11.03 -1.20
CM3 UQ2 I . 4.09 -11.39 -1.23
CM5 UQ2 I . -6.85 -8.04 -3.93
CM5 UQ2 I . -1.28 -10.42 -1.93
C7 UQ2 I . -6.71 -9.46 -6.56
C7 UQ2 I . -1.62 -12.22 -4.30
C8 UQ2 I . -6.17 -8.99 -7.90
C8 UQ2 I . -2.30 -10.88 -4.52
C9 UQ2 I . -6.87 -8.12 -8.88
C9 UQ2 I . -3.74 -10.64 -4.78
C10 UQ2 I . -7.57 -6.85 -8.44
C10 UQ2 I . -4.40 -11.26 -5.98
C11 UQ2 I . -6.87 -8.48 -10.38
C11 UQ2 I . -4.56 -9.76 -3.84
C12 UQ2 I . -8.11 -7.98 -11.13
C12 UQ2 I . -5.94 -9.33 -4.39
C13 UQ2 I . -8.21 -8.51 -12.55
C13 UQ2 I . -6.26 -7.88 -4.12
C14 UQ2 I . -9.44 -9.08 -13.15
C14 UQ2 I . -7.66 -7.37 -4.09
C15 UQ2 I . -9.76 -10.55 -12.97
C15 UQ2 I . -8.47 -7.15 -5.34
C16 UQ2 I . -10.40 -8.21 -13.97
C16 UQ2 I . -8.28 -7.02 -2.76
O1 UQ2 I . -4.57 -11.35 -6.61
O1 UQ2 I . 0.58 -13.90 -4.67
O2 UQ2 I . -3.32 -12.14 -4.48
O2 UQ2 I . 2.85 -13.89 -3.21
O3 UQ2 I . -3.01 -10.41 -2.45
O3 UQ2 I . 3.00 -12.32 -1.14
O4 UQ2 I . -4.81 -8.50 -2.21
O4 UQ2 I . 0.74 -11.05 -0.37
MG BCL J . -15.50 13.36 1.12
CHA BCL J . -12.53 14.74 0.06
CHB BCL J . -13.75 10.47 1.45
CHC BCL J . -18.27 11.94 2.34
CHD BCL J . -16.67 16.46 1.81
NA BCL J . -13.57 12.69 0.68
C1A BCL J . -12.41 13.42 0.47
C2A BCL J . -11.21 12.55 0.13
C3A BCL J . -11.81 11.16 0.12
C4A BCL J . -13.25 11.35 0.50
CMA BCL J . -11.86 10.68 -1.32
CAA BCL J . -10.17 12.64 1.23
CBA BCL J . -8.83 11.94 1.05
CGA BCL J . -7.89 12.88 0.32
O1A BCL J . -8.43 13.76 -0.62
O2A BCL J . -6.65 12.91 0.51
NB BCL J . -15.95 11.47 1.77
C1B BCL J . -15.11 10.37 1.79
C2B BCL J . -15.82 9.32 2.37
C3B BCL J . -17.07 9.76 2.73
C4B BCL J . -17.12 11.09 2.37
CMB BCL J . -15.14 7.98 2.48
CAB BCL J . -18.20 8.99 3.35
OBB BCL J . -19.34 9.38 3.08
CBB BCL J . -17.94 7.78 4.19
NC BCL J . -17.36 14.05 1.61
C1C BCL J . -18.16 13.34 2.45
C2C BCL J . -19.37 14.11 2.91
C3C BCL J . -18.90 15.52 2.66
C4C BCL J . -17.65 15.36 1.84
CMC BCL J . -20.61 13.87 2.05
CAC BCL J . -18.62 16.22 3.99
CBC BCL J . -19.93 16.60 4.68
ND BCL J . -14.93 15.26 0.69
C1D BCL J . -15.68 16.44 0.87
C2D BCL J . -14.72 17.44 0.71
C3D BCL J . -13.48 16.82 0.41
C4D BCL J . -13.65 15.48 0.40
CMD BCL J . -14.81 18.94 0.72
CAD BCL J . -12.17 17.07 0.08
OBD BCL J . -11.60 18.34 -0.02
CBD BCL J . -11.41 15.76 -0.11
CGD BCL J . -10.54 15.72 -1.37
O1D BCL J . -10.89 15.16 -2.45
O2D BCL J . -9.41 16.29 -1.31
CED BCL J . -8.70 16.86 -2.39
C1 BCL J . -5.78 13.91 -0.03
C2 BCL J . -4.55 14.05 0.86
C3 BCL J . -4.09 15.23 1.50
C4 BCL J . -4.56 16.60 1.09
C5 BCL J . -3.06 15.12 2.63
C6 BCL J . -1.66 15.54 2.17
C7 BCL J . -0.74 15.96 3.34
C8 BCL J . 0.78 15.99 3.01
C9 BCL J . 1.14 16.62 1.65
C10 BCL J . 1.69 16.63 4.09
C11 BCL J . 1.32 16.49 5.58
C12 BCL J . 2.60 16.78 6.36
C13 BCL J . 2.54 17.31 7.82
C14 BCL J . 1.33 18.17 8.16
C15 BCL J . 2.68 16.17 8.81
C16 BCL J . 3.12 16.74 10.16
C17 BCL J . 4.55 16.33 10.55
C18 BCL J . 4.53 15.34 11.72
C19 BCL J . 4.17 13.92 11.26
C20 BCL J . 5.84 15.39 12.53
C1 HTO K . 1.51 33.59 -3.16
O1 HTO K . 0.97 34.91 -3.29
C2 HTO K . 1.00 32.93 -1.88
O2 HTO K . -0.06 33.72 -1.34
C3 HTO K . 0.52 31.47 -2.07
O3 HTO K . -0.06 30.97 -0.84
C4 HTO K . 1.55 30.51 -2.74
C5 HTO K . 1.67 29.05 -2.25
C6 HTO K . 2.20 28.06 -3.31
C7 HTO K . 3.61 28.28 -3.78
C1 GOL L . 2.19 40.40 4.02
O1 GOL L . 1.93 41.66 3.43
C2 GOL L . 1.76 39.25 3.12
O2 GOL L . 1.03 39.69 1.99
C3 GOL L . 2.96 38.48 2.60
O3 GOL L . 2.52 37.61 1.57
MG BCL M . -21.15 1.70 0.04
CHA BCL M . -19.55 3.32 -2.47
CHB BCL M . -20.88 -1.15 -1.81
CHC BCL M . -22.11 -0.04 2.70
CHD BCL M . -20.51 4.44 2.04
NA BCL M . -20.55 1.23 -1.88
C1A BCL M . -19.69 1.96 -2.67
C2A BCL M . -19.36 1.26 -3.98
C3A BCL M . -20.18 0.00 -3.85
C4A BCL M . -20.87 0.05 -2.52
CMA BCL M . -21.24 0.01 -4.93
CAA BCL M . -17.89 0.79 -4.08
CBA BCL M . -17.35 -0.04 -2.87
CGA BCL M . -15.97 -0.63 -3.08
O1A BCL M . -15.19 -0.16 -4.14
O2A BCL M . -15.53 -1.54 -2.32
NB BCL M . -21.50 -0.29 0.35
C1B BCL M . -21.46 -1.32 -0.57
C2B BCL M . -21.62 -2.51 0.18
C3B BCL M . -21.72 -2.20 1.53
C4B BCL M . -21.60 -0.82 1.63
CMB BCL M . -21.66 -3.82 -0.52
CAB BCL M . -21.94 -3.22 2.60
OBB BCL M . -22.35 -4.32 2.21
CBB BCL M . -21.73 -2.93 4.05
NC BCL M . -21.57 2.17 2.01
C1C BCL M . -21.59 1.22 2.96
C2C BCL M . -21.82 1.81 4.32
C3C BCL M . -21.48 3.30 4.07
C4C BCL M . -21.07 3.25 2.65
CMC BCL M . -23.30 1.70 4.76
CAC BCL M . -20.43 3.94 4.97
CBC BCL M . -19.11 3.19 5.03
ND BCL M . -20.35 3.53 -0.13
C1D BCL M . -20.58 4.60 0.69
C2D BCL M . -20.14 5.71 -0.02
C3D BCL M . -19.74 5.25 -1.28
C4D BCL M . -19.89 3.91 -1.28
CMD BCL M . -20.12 7.17 0.35
CAD BCL M . -19.26 5.64 -2.53
OBD BCL M . -18.99 6.93 -2.99
CBD BCL M . -19.08 4.41 -3.38
CGD BCL M . -19.94 4.53 -4.57
O1D BCL M . -19.39 4.83 -5.65
O2D BCL M . -21.18 4.36 -4.52
CED BCL M . -21.92 4.53 -5.73
C1 BCL M . -14.45 -2.47 -2.55
C2 BCL M . -14.39 -3.08 -3.95
C3 BCL M . -14.60 -4.42 -4.35
C4 BCL M . -13.55 -5.21 -5.07
C5 BCL M . -15.92 -5.14 -4.11
C6 BCL M . -17.14 -4.24 -4.43
C7 BCL M . -17.78 -4.41 -5.83
C8 BCL M . -19.17 -3.80 -5.93
C9 BCL M . -19.58 -3.76 -7.41
C10 BCL M . -20.16 -4.63 -5.11
C11 BCL M . -21.18 -3.78 -4.35
C12 BCL M . -22.64 -4.03 -4.76
C13 BCL M . -22.89 -4.46 -6.22
C14 BCL M . -24.18 -5.28 -6.28
C15 BCL M . -22.85 -3.29 -7.23
C16 BCL M . -23.94 -3.32 -8.30
C17 BCL M . -23.47 -3.07 -9.76
C18 BCL M . -24.56 -2.50 -10.70
C19 BCL M . -23.99 -2.09 -12.08
C20 BCL M . -25.78 -3.41 -10.84
MG BCL N . -17.81 8.85 7.21
CHA BCL N . -18.10 5.57 8.03
CHB BCL N . -14.78 8.17 5.90
CHC BCL N . -17.51 12.07 6.42
CHD BCL N . -21.22 9.25 7.65
NA BCL N . -16.56 7.21 7.19
C1A BCL N . -16.92 5.89 7.37
C2A BCL N . -15.77 4.93 7.15
C3A BCL N . -14.63 5.85 6.76
C4A BCL N . -15.24 7.23 6.82
CMA BCL N . -13.47 5.68 7.73
CAA BCL N . -15.92 3.87 6.10
CBA BCL N . -15.39 2.57 6.69
CGA BCL N . -15.33 1.51 5.62
O1A BCL N . -14.10 1.15 5.07
O2A BCL N . -16.35 0.93 5.19
NB BCL N . -16.36 9.95 6.29
C1B BCL N . -15.11 9.52 5.94
C2B BCL N . -14.46 10.59 5.33
C3B BCL N . -15.32 11.66 5.31
C4B BCL N . -16.51 11.24 5.86
CMB BCL N . -13.03 10.38 4.87
CAB BCL N . -14.97 13.00 4.75
OBB BCL N . -13.98 13.12 4.00
CBB BCL N . -15.82 14.16 5.17
NC BCL N . -19.14 10.44 7.10
C1C BCL N . -18.82 11.63 6.52
C2C BCL N . -19.96 12.57 6.70
C3C BCL N . -21.14 11.61 6.75
C4C BCL N . -20.48 10.28 6.93
CMC BCL N . -19.85 13.25 8.06
CAC BCL N . -21.96 11.58 5.46
CBC BCL N . -22.54 12.95 5.16
ND BCL N . -19.40 7.64 7.56
C1D BCL N . -20.76 7.94 7.60
C2D BCL N . -21.36 6.76 8.08
C3D BCL N . -20.33 5.81 8.26
C4D BCL N . -19.17 6.39 7.91
CMD BCL N . -22.77 6.35 8.38
CAD BCL N . -20.08 4.49 8.61
OBD BCL N . -21.04 3.55 9.02
CBD BCL N . -18.59 4.23 8.53
CGD BCL N . -18.07 4.17 9.92
O1D BCL N . -17.60 3.11 10.39
O2D BCL N . -18.11 5.22 10.63
CED BCL N . -17.95 5.13 12.04
C1 BCL N . -16.40 0.25 3.94
C2 BCL N . -16.50 -1.23 4.22
C3 BCL N . -17.63 -1.86 4.74
C4 BCL N . -18.90 -1.09 4.84
C5 BCL N . -17.56 -3.31 5.21
C6 BCL N . -18.13 -4.23 4.13
C7 BCL N . -17.63 -5.66 4.36
C8 BCL N . -18.31 -6.86 3.66
C9 BCL N . -19.13 -7.66 4.67
C10 BCL N . -19.12 -6.52 2.40
C11 BCL N . -19.26 -7.71 1.43
C12 BCL N . -20.23 -7.41 0.26
C13 BCL N . -20.40 -8.61 -0.68
C14 BCL N . -21.29 -9.65 -0.03
C15 BCL N . -21.03 -8.19 -2.00
C16 BCL N . -19.96 -7.80 -3.01
C17 BCL N . -20.12 -8.36 -4.43
C18 BCL N . -18.71 -8.78 -4.93
C19 BCL N . -18.33 -10.24 -4.61
C20 BCL N . -18.46 -8.46 -6.41
N1 LDA O . -9.85 12.03 17.62
O1 LDA O . -9.89 12.51 18.79
CM1 LDA O . -10.09 10.59 17.81
CM2 LDA O . -11.01 12.65 16.92
C1 LDA O . -8.55 12.37 17.00
C2 LDA O . -7.98 11.44 15.90
C3 LDA O . -6.46 11.60 15.82
C4 LDA O . -5.72 10.50 15.04
C5 LDA O . -4.39 10.04 15.64
C6 LDA O . -3.57 9.15 14.69
C7 LDA O . -2.92 7.87 15.29
C8 LDA O . -2.59 6.83 14.19
C9 LDA O . -1.74 5.59 14.60
C10 LDA O . -1.68 4.38 13.61
C11 LDA O . -1.18 3.06 14.25
C12 LDA O . -1.19 1.80 13.37
N1 LDA P . 14.39 3.56 17.71
O1 LDA P . 15.40 3.38 16.95
CM1 LDA P . 13.91 2.23 18.17
CM2 LDA P . 14.77 4.42 18.85
C1 LDA P . 13.35 4.25 16.94
C2 LDA P . 12.10 4.62 17.77
C3 LDA P . 10.84 3.94 17.21
C4 LDA P . 9.53 4.61 17.63
C5 LDA P . 8.79 5.22 16.45
C6 LDA P . 7.30 4.94 16.58
C7 LDA P . 6.56 6.27 16.60
C8 LDA P . 5.49 6.34 15.51
C9 LDA P . 4.27 5.48 15.79
C10 LDA P . 3.52 5.33 14.47
C11 LDA P . 2.00 5.13 14.60
C12 LDA P . 1.39 5.26 13.20
N1 LDA Q . -12.13 -23.01 -16.40
O1 LDA Q . -13.28 -23.45 -16.15
CM1 LDA Q . -11.32 -24.16 -16.88
CM2 LDA Q . -12.24 -22.04 -17.51
C1 LDA Q . -11.49 -22.46 -15.19
C2 LDA Q . -12.42 -21.49 -14.44
C3 LDA Q . -11.74 -20.78 -13.27
C4 LDA Q . -11.63 -19.27 -13.48
C5 LDA Q . -12.02 -18.46 -12.25
C6 LDA Q . -12.42 -17.02 -12.61
C7 LDA Q . -11.49 -15.98 -11.98
C8 LDA Q . -12.23 -14.73 -11.50
C9 LDA Q . -11.31 -13.65 -10.91
C10 LDA Q . -12.02 -12.66 -9.95
C11 LDA Q . -11.07 -11.85 -9.06
C12 LDA Q . -11.60 -11.59 -7.64
FE FE R . 4.77 -6.79 1.09
O1D BPH S . -12.36 -13.25 0.18
CGD BPH S . -12.25 -11.91 0.62
O2D BPH S . -11.56 -11.20 -0.11
CED BPH S . -10.98 -11.76 -1.26
CBD BPH S . -12.92 -11.39 1.88
CHA BPH S . -13.36 -9.97 1.74
C4D BPH S . -12.53 -9.13 2.50
C3D BPH S . -11.58 -9.87 3.13
CAD BPH S . -11.89 -11.24 2.94
OBD BPH S . -10.92 -12.22 2.93
C2D BPH S . -11.01 -8.97 4.19
CMD BPH S . -9.56 -9.15 4.57
C1D BPH S . -11.68 -7.75 3.94
ND BPH S . -12.62 -7.85 2.94
CHD BPH S . -11.47 -6.45 4.67
C4C BPH S . -12.01 -5.17 4.21
C3C BPH S . -11.55 -3.78 4.61
CAC BPH S . -11.48 -3.59 6.10
CBC BPH S . -10.26 -4.29 6.63
C2C BPH S . -12.70 -2.88 4.12
CMC BPH S . -12.16 -1.66 3.39
C1C BPH S . -13.45 -3.84 3.24
NC BPH S . -13.05 -5.12 3.35
CHC BPH S . -14.44 -3.45 2.27
C4B BPH S . -15.59 -4.29 1.82
C3B BPH S . -16.43 -3.62 0.92
CAB BPH S . -16.58 -2.11 0.77
CBB BPH S . -15.50 -1.18 1.19
OBB BPH S . -17.78 -1.62 0.21
C2B BPH S . -16.72 -4.47 -0.13
CMB BPH S . -17.91 -4.38 -1.03
C1B BPH S . -16.03 -5.61 0.21
NB BPH S . -15.31 -5.56 1.37
CHB BPH S . -16.04 -6.83 -0.67
C4A BPH S . -15.51 -8.12 -0.26
C3A BPH S . -15.58 -9.36 -1.10
CMA BPH S . -14.56 -9.13 -2.20
C2A BPH S . -15.12 -10.44 -0.11
C1A BPH S . -14.42 -9.56 0.91
NA BPH S . -14.89 -8.31 0.89
CAA BPH S . -16.27 -11.19 0.57
CBA BPH S . -16.83 -12.34 -0.26
CGA BPH S . -18.26 -12.71 0.11
O1A BPH S . -18.75 -12.57 1.43
O2A BPH S . -19.02 -13.16 -0.77
C1 BPH S . -20.33 -13.66 -0.48
C2 BPH S . -21.22 -13.68 -1.71
C3 BPH S . -20.82 -14.45 -2.89
C4 BPH S . -20.00 -15.69 -2.71
C5 BPH S . -21.20 -13.99 -4.28
C6 BPH S . -21.91 -12.64 -4.17
C7 BPH S . -23.01 -12.46 -5.23
C8 BPH S . -22.55 -11.66 -6.44
C9 BPH S . -23.26 -10.31 -6.53
C10 BPH S . -22.65 -12.48 -7.72
C11 BPH S . -21.50 -13.51 -7.87
C12 BPH S . -20.25 -12.92 -8.54
C13 BPH S . -19.10 -13.91 -8.79
C14 BPH S . -17.76 -13.20 -8.58
C15 BPH S . -19.18 -14.49 -10.21
C16 BPH S . -19.79 -15.91 -10.25
C17 BPH S . -20.42 -16.25 -11.61
C18 BPH S . -20.90 -17.71 -11.68
C19 BPH S . -20.57 -18.37 -13.02
C20 BPH S . -22.38 -17.85 -11.34
C1 U10 T . 8.33 0.55 4.83
C2 U10 T . 8.66 -0.62 4.11
C3 U10 T . 9.74 -1.46 4.52
C4 U10 T . 10.48 -1.10 5.68
C5 U10 T . 10.10 0.07 6.38
C6 U10 T . 9.05 0.89 5.97
C1M U10 T . 7.19 1.43 4.37
C3M U10 T . 9.60 -3.54 3.51
C4M U10 T . 11.94 -2.82 6.35
C7 U10 T . 8.60 2.03 6.85
C8 U10 T . 7.30 1.67 7.53
C9 U10 T . 7.13 1.68 8.99
C10 U10 T . 8.34 1.85 9.88
C11 U10 T . 5.73 1.47 9.55
C12 U10 T . 5.29 2.44 10.63
C13 U10 T . 5.11 3.81 10.00
C14 U10 T . 3.81 4.38 9.57
C15 U10 T . 2.51 3.72 9.82
C16 U10 T . 3.79 5.69 8.83
C17 U10 T . 3.53 6.80 9.83
C18 U10 T . 4.82 7.55 10.14
C19 U10 T . 4.82 8.57 11.20
C20 U10 T . 3.56 9.10 11.81
C21 U10 T . 6.11 9.15 11.69
C22 U10 T . 6.65 10.20 10.71
C23 U10 T . 7.52 11.18 11.48
C24 U10 T . 8.50 11.99 10.76
C25 U10 T . 8.05 12.72 9.52
C26 U10 T . 9.93 12.07 11.27
C27 U10 T . 10.14 13.24 12.22
C28 U10 T . 10.60 14.48 11.46
C29 U10 T . 11.96 15.05 11.63
C30 U10 T . 12.70 14.90 12.94
C31 U10 T . 12.61 15.77 10.44
C32 U10 T . 13.81 16.70 10.71
C33 U10 T . 14.97 16.54 9.73
C34 U10 T . 16.35 16.54 10.30
C35 U10 T . 16.66 15.66 11.49
C36 U10 T . 17.44 17.44 9.73
C37 U10 T . 18.38 17.90 10.87
C38 U10 T . 18.58 19.41 10.94
C39 U10 T . 19.88 20.13 11.16
C40 U10 T . 20.89 19.64 12.18
C41 U10 T . 20.22 21.40 10.39
O2 U10 T . 8.10 -0.82 3.02
O3 U10 T . 10.22 -2.30 3.75
O4 U10 T . 11.65 -1.53 5.86
O5 U10 T . 10.57 0.25 7.51
CM1 SPO U . -30.69 -8.07 -15.11
O1 SPO U . -31.54 -8.50 -14.03
C1 SPO U . -31.21 -9.55 -13.09
C2 SPO U . -30.95 -10.84 -13.86
C3 SPO U . -32.35 -9.79 -12.12
C4 SPO U . -29.96 -9.17 -12.28
C5 SPO U . -30.03 -7.75 -11.75
C6 SPO U . -29.68 -7.44 -10.36
C7 SPO U . -29.63 -6.06 -9.83
C8 SPO U . -29.72 -4.85 -10.72
C9 SPO U . -29.51 -5.85 -8.37
C10 SPO U . -28.31 -5.26 -7.80
C11 SPO U . -28.20 -5.18 -6.33
C12 SPO U . -27.93 -3.93 -5.57
C13 SPO U . -28.17 -2.58 -6.19
C14 SPO U . -27.41 -4.04 -4.20
C15 SPO U . -26.62 -2.99 -3.60
C16 SPO U . -26.00 -3.24 -2.31
C17 SPO U . -25.86 -2.24 -1.22
C18 SPO U . -25.63 -0.80 -1.53
C19 SPO U . -25.93 -2.66 0.17
C20 SPO U . -25.01 -2.11 1.16
C21 SPO U . -25.21 -2.34 2.59
C22 SPO U . -25.57 -3.65 3.13
C23 SPO U . -25.69 -3.84 4.59
C24 SPO U . -24.84 -3.02 5.53
C25 SPO U . -26.63 -4.84 5.14
C26 SPO U . -26.20 -5.93 6.02
C27 SPO U . -27.12 -7.04 6.30
C28 SPO U . -26.94 -8.00 7.40
C29 SPO U . -25.89 -7.78 8.45
C30 SPO U . -27.81 -9.24 7.45
C31 SPO U . -28.64 -9.26 8.72
C32 SPO U . -29.59 -10.42 8.63
C33 SPO U . -31.07 -10.34 8.75
C34 SPO U . -31.80 -9.01 8.87
C35 SPO U . -31.87 -11.63 8.75
C36 SPO U . -31.92 -12.30 10.13
C37 SPO U . -32.30 -13.75 9.93
C38 SPO U . -31.43 -14.85 10.43
C39 SPO U . -29.94 -14.66 10.56
C40 SPO U . -32.06 -16.17 10.82
#